data_5WCL
#
_entry.id   5WCL
#
loop_
_entity.id
_entity.type
_entity.pdbx_description
1 polymer 'Troponin C, slow skeletal and cardiac muscles,Troponin I, cardiac muscle'
2 non-polymer 3-methyl-N-phenylaniline
#
_entity_poly.entity_id   1
_entity_poly.type   'polypeptide(L)'
_entity_poly.pdbx_seq_one_letter_code
;MDDIYKAAVEQLTEEQKNEFKAAFDIFVLGAEDGSISTKELGKVMRMLGQNPTPEELQEMIDEVDEDGSGTVDFDEFLVM
MVRSMKDDSKGKFKRPTLRRVRISADAMMQALLGARAKGH
;
_entity_poly.pdbx_strand_id   A
#
loop_
_chem_comp.id
_chem_comp.type
_chem_comp.name
_chem_comp.formula
9XG non-polymer 3-methyl-N-phenylaniline 'C13 H13 N'
#
# COMPACT_ATOMS: atom_id res chain seq x y z
N MET A 1 -3.20 10.92 -5.80
CA MET A 1 -2.11 10.81 -4.80
C MET A 1 -2.27 11.92 -3.77
N ASP A 2 -2.57 11.53 -2.53
CA ASP A 2 -2.73 12.49 -1.45
C ASP A 2 -1.45 13.25 -1.26
N ASP A 3 -1.42 14.51 -1.64
CA ASP A 3 -0.20 15.28 -1.52
C ASP A 3 0.09 15.60 -0.07
N ILE A 4 -0.92 15.48 0.77
CA ILE A 4 -0.73 15.60 2.21
C ILE A 4 0.18 14.47 2.68
N TYR A 5 -0.13 13.26 2.25
CA TYR A 5 0.65 12.09 2.59
C TYR A 5 1.89 12.03 1.73
N LYS A 6 1.78 12.63 0.56
CA LYS A 6 2.88 12.73 -0.39
C LYS A 6 4.00 13.56 0.24
N ALA A 7 3.57 14.48 1.11
CA ALA A 7 4.47 15.23 2.00
C ALA A 7 4.85 14.41 3.20
N ALA A 8 3.97 13.51 3.59
CA ALA A 8 4.18 12.76 4.80
C ALA A 8 5.30 11.75 4.63
N VAL A 9 5.51 11.29 3.41
CA VAL A 9 6.70 10.49 3.10
C VAL A 9 7.92 11.40 3.14
N GLU A 10 7.72 12.65 2.78
CA GLU A 10 8.77 13.63 2.86
C GLU A 10 9.02 13.94 4.33
N GLN A 11 8.03 13.56 5.10
CA GLN A 11 7.95 13.78 6.53
C GLN A 11 8.36 12.50 7.30
N LEU A 12 8.29 11.35 6.65
CA LEU A 12 8.70 10.10 7.29
C LEU A 12 10.21 10.07 7.43
N THR A 13 10.68 9.36 8.45
CA THR A 13 12.09 9.18 8.63
C THR A 13 12.64 8.23 7.57
N GLU A 14 13.95 8.12 7.50
CA GLU A 14 14.58 7.20 6.59
C GLU A 14 14.05 5.79 6.80
N GLU A 15 14.15 5.33 8.03
CA GLU A 15 13.62 4.02 8.43
C GLU A 15 12.17 3.86 8.00
N GLN A 16 11.39 4.92 8.16
CA GLN A 16 9.97 4.87 7.82
C GLN A 16 9.75 4.44 6.39
N LYS A 17 10.35 5.13 5.46
CA LYS A 17 10.14 4.84 4.07
C LYS A 17 10.87 3.55 3.67
N ASN A 18 11.96 3.26 4.35
CA ASN A 18 12.77 2.07 4.09
C ASN A 18 11.95 0.80 4.33
N GLU A 19 11.27 0.77 5.47
CA GLU A 19 10.44 -0.37 5.84
C GLU A 19 9.34 -0.58 4.83
N PHE A 20 8.63 0.49 4.58
CA PHE A 20 7.49 0.49 3.69
C PHE A 20 7.87 0.02 2.30
N LYS A 21 9.04 0.45 1.83
CA LYS A 21 9.59 0.00 0.56
C LYS A 21 9.54 -1.51 0.47
N ALA A 22 10.07 -2.17 1.49
CA ALA A 22 10.16 -3.61 1.49
C ALA A 22 8.82 -4.24 1.13
N ALA A 23 7.75 -3.73 1.74
CA ALA A 23 6.41 -4.25 1.50
C ALA A 23 6.05 -4.10 0.02
N PHE A 24 6.40 -2.96 -0.56
CA PHE A 24 6.24 -2.75 -2.00
C PHE A 24 6.92 -3.85 -2.79
N ASP A 25 8.20 -3.94 -2.53
CA ASP A 25 9.10 -4.92 -3.18
C ASP A 25 8.60 -6.36 -3.07
N ILE A 26 7.98 -6.69 -1.95
CA ILE A 26 7.50 -8.03 -1.70
C ILE A 26 6.07 -8.17 -2.20
N PHE A 27 5.41 -7.03 -2.31
CA PHE A 27 4.13 -6.95 -2.98
C PHE A 27 4.32 -7.33 -4.44
N VAL A 28 5.53 -7.13 -4.91
CA VAL A 28 5.86 -7.38 -6.31
C VAL A 28 6.82 -8.55 -6.45
N LEU A 29 6.72 -9.53 -5.54
CA LEU A 29 7.62 -10.69 -5.57
C LEU A 29 7.57 -11.39 -6.92
N GLY A 30 8.69 -11.35 -7.62
CA GLY A 30 8.79 -11.99 -8.91
C GLY A 30 8.12 -11.20 -10.03
N ALA A 31 7.73 -9.96 -9.76
CA ALA A 31 7.12 -9.11 -10.78
C ALA A 31 8.13 -8.72 -11.83
N GLU A 32 7.71 -8.73 -13.08
CA GLU A 32 8.58 -8.34 -14.19
C GLU A 32 8.89 -6.85 -14.13
N ASP A 33 7.88 -6.03 -13.92
CA ASP A 33 8.09 -4.58 -13.88
C ASP A 33 8.41 -4.12 -12.46
N GLY A 34 8.05 -4.96 -11.50
CA GLY A 34 8.35 -4.66 -10.10
C GLY A 34 7.50 -3.54 -9.56
N SER A 35 6.45 -3.21 -10.28
CA SER A 35 5.46 -2.28 -9.82
C SER A 35 4.21 -3.08 -9.49
N ILE A 36 3.45 -2.64 -8.50
CA ILE A 36 2.29 -3.38 -8.03
C ILE A 36 1.16 -3.24 -9.03
N SER A 37 0.88 -4.30 -9.75
CA SER A 37 -0.30 -4.33 -10.57
C SER A 37 -1.44 -4.79 -9.67
N THR A 38 -2.62 -4.88 -10.20
CA THR A 38 -3.76 -5.20 -9.39
C THR A 38 -3.67 -6.58 -8.78
N LYS A 39 -3.18 -7.56 -9.52
CA LYS A 39 -3.06 -8.87 -8.92
C LYS A 39 -1.81 -8.98 -8.06
N GLU A 40 -0.78 -8.19 -8.36
CA GLU A 40 0.36 -8.04 -7.44
C GLU A 40 -0.17 -7.58 -6.08
N LEU A 41 -1.02 -6.57 -6.13
CA LEU A 41 -1.71 -6.04 -4.97
C LEU A 41 -2.63 -7.12 -4.36
N GLY A 42 -3.37 -7.81 -5.23
CA GLY A 42 -4.32 -8.83 -4.82
C GLY A 42 -3.66 -9.99 -4.11
N LYS A 43 -2.47 -10.35 -4.58
CA LYS A 43 -1.64 -11.37 -3.96
C LYS A 43 -1.54 -11.16 -2.45
N VAL A 44 -1.09 -9.98 -2.08
CA VAL A 44 -0.88 -9.63 -0.69
C VAL A 44 -2.17 -9.62 0.06
N MET A 45 -3.19 -9.12 -0.56
CA MET A 45 -4.50 -9.08 0.04
C MET A 45 -4.93 -10.51 0.39
N ARG A 46 -4.72 -11.45 -0.54
CA ARG A 46 -5.01 -12.85 -0.27
C ARG A 46 -4.02 -13.44 0.73
N MET A 47 -2.83 -12.85 0.78
CA MET A 47 -1.85 -13.14 1.79
C MET A 47 -2.35 -12.70 3.17
N LEU A 48 -3.35 -11.81 3.16
CA LEU A 48 -3.92 -11.26 4.39
C LEU A 48 -5.28 -11.86 4.70
N GLY A 49 -5.75 -12.75 3.85
CA GLY A 49 -7.07 -13.31 4.03
C GLY A 49 -8.13 -12.60 3.21
N GLN A 50 -7.72 -11.59 2.46
CA GLN A 50 -8.60 -10.90 1.54
C GLN A 50 -8.75 -11.72 0.27
N ASN A 51 -9.78 -11.42 -0.51
CA ASN A 51 -9.88 -11.96 -1.86
C ASN A 51 -10.59 -10.93 -2.77
N PRO A 52 -9.85 -9.87 -3.12
CA PRO A 52 -10.28 -8.83 -4.06
C PRO A 52 -10.56 -9.33 -5.44
N THR A 53 -11.13 -8.44 -6.22
CA THR A 53 -11.12 -8.55 -7.64
C THR A 53 -10.41 -7.33 -8.21
N PRO A 54 -9.68 -7.49 -9.31
CA PRO A 54 -8.89 -6.41 -9.92
C PRO A 54 -9.57 -5.04 -9.91
N GLU A 55 -10.88 -5.02 -10.10
CA GLU A 55 -11.66 -3.78 -10.07
C GLU A 55 -11.41 -2.99 -8.79
N GLU A 56 -11.68 -3.63 -7.67
CA GLU A 56 -11.40 -3.11 -6.35
C GLU A 56 -9.95 -2.69 -6.23
N LEU A 57 -9.09 -3.67 -6.46
CA LEU A 57 -7.63 -3.51 -6.46
C LEU A 57 -7.16 -2.30 -7.27
N GLN A 58 -7.76 -2.10 -8.43
CA GLN A 58 -7.35 -1.03 -9.32
C GLN A 58 -7.60 0.32 -8.67
N GLU A 59 -8.74 0.47 -8.04
CA GLU A 59 -9.10 1.71 -7.38
C GLU A 59 -8.10 2.06 -6.28
N MET A 60 -7.51 1.03 -5.69
CA MET A 60 -6.48 1.23 -4.67
C MET A 60 -5.21 1.77 -5.33
N ILE A 61 -4.86 1.17 -6.46
CA ILE A 61 -3.72 1.59 -7.25
C ILE A 61 -3.94 2.96 -7.89
N ASP A 62 -5.15 3.16 -8.38
CA ASP A 62 -5.54 4.36 -9.13
C ASP A 62 -5.24 5.65 -8.39
N GLU A 63 -5.38 5.61 -7.06
CA GLU A 63 -5.11 6.77 -6.22
C GLU A 63 -3.76 7.40 -6.54
N VAL A 64 -2.74 6.58 -6.48
CA VAL A 64 -1.39 7.05 -6.68
C VAL A 64 -0.90 6.81 -8.08
N ASP A 65 -1.71 6.08 -8.85
CA ASP A 65 -1.40 5.79 -10.24
C ASP A 65 -1.43 7.07 -11.08
N GLU A 66 -0.35 7.84 -10.97
CA GLU A 66 -0.23 9.10 -11.66
C GLU A 66 0.05 8.91 -13.14
N ASP A 67 0.75 7.83 -13.47
CA ASP A 67 1.14 7.59 -14.86
C ASP A 67 0.01 6.89 -15.62
N GLY A 68 -1.03 6.51 -14.89
CA GLY A 68 -2.16 5.82 -15.48
C GLY A 68 -1.75 4.47 -16.03
N SER A 69 -0.81 3.85 -15.36
CA SER A 69 -0.23 2.59 -15.82
C SER A 69 -0.95 1.41 -15.18
N GLY A 70 -1.71 1.69 -14.12
CA GLY A 70 -2.39 0.64 -13.41
C GLY A 70 -1.45 -0.09 -12.47
N THR A 71 -0.32 0.52 -12.19
CA THR A 71 0.68 -0.06 -11.31
C THR A 71 1.21 0.97 -10.34
N VAL A 72 1.32 0.55 -9.11
CA VAL A 72 1.95 1.33 -8.09
C VAL A 72 3.45 1.02 -8.00
N ASP A 73 4.26 2.06 -8.02
CA ASP A 73 5.68 1.90 -7.77
C ASP A 73 5.95 2.45 -6.38
N PHE A 74 7.21 2.46 -5.94
CA PHE A 74 7.54 2.64 -4.54
C PHE A 74 6.84 3.84 -3.88
N ASP A 75 7.05 5.04 -4.38
CA ASP A 75 6.49 6.24 -3.75
C ASP A 75 4.97 6.21 -3.76
N GLU A 76 4.41 5.66 -4.83
CA GLU A 76 2.98 5.45 -4.93
C GLU A 76 2.51 4.55 -3.77
N PHE A 77 3.21 3.44 -3.60
CA PHE A 77 3.00 2.52 -2.46
C PHE A 77 3.18 3.23 -1.13
N LEU A 78 4.29 3.92 -1.02
CA LEU A 78 4.72 4.59 0.19
C LEU A 78 3.73 5.64 0.68
N VAL A 79 3.19 6.43 -0.22
CA VAL A 79 2.27 7.46 0.21
C VAL A 79 1.00 6.80 0.74
N MET A 80 0.63 5.65 0.18
CA MET A 80 -0.50 4.91 0.69
C MET A 80 -0.14 4.32 2.04
N MET A 81 1.11 3.92 2.18
CA MET A 81 1.62 3.44 3.43
C MET A 81 1.38 4.43 4.56
N VAL A 82 1.87 5.66 4.42
CA VAL A 82 1.67 6.67 5.46
C VAL A 82 0.20 7.09 5.51
N ARG A 83 -0.47 7.01 4.39
CA ARG A 83 -1.91 7.23 4.31
C ARG A 83 -2.65 6.19 5.15
N SER A 84 -2.22 4.93 5.01
CA SER A 84 -2.86 3.80 5.67
C SER A 84 -2.73 3.91 7.19
N MET A 85 -1.54 4.27 7.66
CA MET A 85 -1.29 4.33 9.09
C MET A 85 -1.85 5.61 9.71
N LYS A 86 -1.95 6.68 8.93
CA LYS A 86 -2.53 7.91 9.43
C LYS A 86 -4.05 7.92 9.32
N ASP A 87 -4.53 7.75 8.08
CA ASP A 87 -5.93 7.97 7.69
C ASP A 87 -6.74 8.70 8.77
N ASP A 88 -6.47 9.99 8.91
CA ASP A 88 -7.05 10.79 9.99
C ASP A 88 -8.47 11.23 9.68
N SER A 89 -8.87 11.10 8.42
CA SER A 89 -10.23 11.46 8.03
C SER A 89 -11.21 10.38 8.47
N LYS A 90 -11.50 10.34 9.76
CA LYS A 90 -12.36 9.33 10.33
C LYS A 90 -13.83 9.75 10.25
N GLY A 91 -14.13 10.91 10.85
CA GLY A 91 -15.49 11.36 10.93
C GLY A 91 -15.73 12.68 10.22
N LYS A 92 -15.00 12.91 9.14
CA LYS A 92 -15.19 14.12 8.34
C LYS A 92 -14.89 13.87 6.88
N PHE A 93 -14.81 14.95 6.11
CA PHE A 93 -14.68 14.88 4.65
C PHE A 93 -13.52 13.98 4.19
N LYS A 94 -13.88 13.03 3.34
CA LYS A 94 -12.94 12.24 2.57
C LYS A 94 -13.68 11.64 1.38
N ARG A 95 -12.97 11.38 0.30
CA ARG A 95 -13.57 10.66 -0.81
C ARG A 95 -13.29 9.18 -0.70
N PRO A 96 -14.30 8.36 -1.01
CA PRO A 96 -14.23 6.93 -0.92
C PRO A 96 -13.47 6.33 -2.09
N THR A 97 -12.49 5.49 -1.78
CA THR A 97 -11.70 4.84 -2.80
C THR A 97 -11.99 3.35 -2.81
N LEU A 98 -13.27 3.02 -2.62
CA LEU A 98 -13.74 1.63 -2.51
C LEU A 98 -13.46 1.04 -1.14
N ARG A 99 -14.42 1.14 -0.25
CA ARG A 99 -14.34 0.38 0.98
C ARG A 99 -14.80 -1.05 0.67
N ARG A 100 -13.91 -1.77 0.03
CA ARG A 100 -14.18 -3.11 -0.45
C ARG A 100 -13.31 -4.08 0.30
N VAL A 101 -12.04 -3.79 0.22
CA VAL A 101 -11.01 -4.59 0.83
C VAL A 101 -9.91 -3.66 1.33
N ARG A 102 -10.00 -3.23 2.57
CA ARG A 102 -9.10 -2.21 3.07
C ARG A 102 -7.88 -2.85 3.72
N ILE A 103 -6.74 -2.71 3.06
CA ILE A 103 -5.49 -3.22 3.60
C ILE A 103 -5.02 -2.36 4.77
N SER A 104 -4.73 -2.99 5.89
CA SER A 104 -4.17 -2.30 7.04
C SER A 104 -2.66 -2.15 6.88
N ALA A 105 -2.12 -1.01 7.29
CA ALA A 105 -0.72 -0.69 7.06
C ALA A 105 0.20 -1.81 7.53
N ASP A 106 0.16 -2.09 8.82
CA ASP A 106 1.06 -3.08 9.43
C ASP A 106 0.65 -4.48 9.06
N ALA A 107 -0.65 -4.75 9.09
CA ALA A 107 -1.15 -6.08 8.78
C ALA A 107 -0.71 -6.52 7.39
N MET A 108 -0.85 -5.63 6.43
CA MET A 108 -0.37 -5.89 5.08
C MET A 108 1.13 -6.01 5.09
N MET A 109 1.77 -4.99 5.66
CA MET A 109 3.20 -4.92 5.75
C MET A 109 3.77 -6.21 6.28
N GLN A 110 3.21 -6.69 7.38
CA GLN A 110 3.70 -7.87 8.07
C GLN A 110 3.67 -9.10 7.17
N ALA A 111 2.72 -9.11 6.25
CA ALA A 111 2.60 -10.19 5.30
C ALA A 111 3.85 -10.27 4.44
N LEU A 112 4.35 -9.11 4.03
CA LEU A 112 5.59 -9.05 3.29
C LEU A 112 6.78 -9.06 4.26
N LEU A 113 6.59 -8.38 5.38
CA LEU A 113 7.66 -8.00 6.28
C LEU A 113 8.16 -9.12 7.18
N GLY A 114 7.93 -10.36 6.82
CA GLY A 114 8.57 -11.44 7.55
C GLY A 114 10.08 -11.38 7.36
N ALA A 115 10.68 -10.38 7.99
CA ALA A 115 12.04 -9.97 7.76
C ALA A 115 12.41 -8.87 8.74
N ARG A 116 11.47 -7.93 8.90
CA ARG A 116 11.65 -6.82 9.84
C ARG A 116 10.29 -6.28 10.30
N ALA A 117 9.32 -7.17 10.43
CA ALA A 117 7.99 -6.78 10.87
C ALA A 117 7.95 -6.61 12.38
N LYS A 118 7.00 -5.81 12.83
CA LYS A 118 6.72 -5.72 14.26
C LYS A 118 6.29 -7.10 14.77
N GLY A 119 5.44 -7.76 14.01
CA GLY A 119 5.03 -9.11 14.32
C GLY A 119 5.61 -10.10 13.32
N HIS A 120 4.75 -10.91 12.73
CA HIS A 120 5.18 -11.86 11.70
C HIS A 120 4.01 -12.22 10.79
CAA 9XG B . -8.33 2.62 -0.90
CAB 9XG B . -0.71 -0.99 -2.83
CAC 9XG B . -0.92 -1.21 -1.47
CAD 9XG B . -1.65 -0.29 -3.57
CAE 9XG B . -5.05 3.74 -2.12
CAF 9XG B . -6.40 3.74 -1.80
CAG 9XG B . -2.08 -0.73 -0.86
CAH 9XG B . -2.80 0.19 -2.96
CAI 9XG B . -4.27 2.62 -1.86
CAJ 9XG B . -6.20 1.51 -0.96
CAL 9XG B . -6.98 2.62 -1.22
CAM 9XG B . -3.02 -0.03 -1.59
CAN 9XG B . -4.85 1.50 -1.28
NAK 9XG B . -4.13 0.42 -1.00
HAB 9XG B . -8.71 1.60 -0.97
HAC 9XG B . -8.87 3.26 -1.60
HAA 9XG B . -8.47 2.99 0.12
HAD 9XG B . 0.19 -1.35 -3.31
HAE 9XG B . -0.19 -1.77 -0.89
HAF 9XG B . -1.50 -0.12 -4.64
HAG 9XG B . -4.59 4.62 -2.58
HAH 9XG B . -7.00 4.62 -2.01
HAI 9XG B . -2.24 -0.91 0.20
HAJ 9XG B . -3.55 0.74 -3.54
HAK 9XG B . -3.21 2.62 -2.11
HAL 9XG B . -6.66 0.62 -0.50
HAM 9XG B . -4.45 -0.14 -0.24
N MET A 1 -3.30 13.15 -6.19
CA MET A 1 -2.44 12.46 -5.19
C MET A 1 -2.61 13.13 -3.83
N ASP A 2 -2.61 12.35 -2.76
CA ASP A 2 -2.59 12.94 -1.42
C ASP A 2 -1.26 13.59 -1.20
N ASP A 3 -1.15 14.86 -1.55
CA ASP A 3 0.08 15.60 -1.36
C ASP A 3 0.34 15.82 0.12
N ILE A 4 -0.65 15.54 0.94
CA ILE A 4 -0.46 15.60 2.38
C ILE A 4 0.42 14.43 2.80
N TYR A 5 0.10 13.25 2.29
CA TYR A 5 0.85 12.05 2.55
C TYR A 5 2.07 12.05 1.67
N LYS A 6 1.93 12.69 0.52
CA LYS A 6 3.02 12.83 -0.43
C LYS A 6 4.14 13.60 0.23
N ALA A 7 3.74 14.58 1.05
CA ALA A 7 4.64 15.33 1.93
C ALA A 7 5.03 14.51 3.13
N ALA A 8 4.22 13.56 3.49
CA ALA A 8 4.47 12.76 4.66
C ALA A 8 5.57 11.74 4.43
N VAL A 9 5.77 11.34 3.18
CA VAL A 9 6.94 10.54 2.85
C VAL A 9 8.17 11.44 2.90
N GLU A 10 7.94 12.70 2.59
CA GLU A 10 8.97 13.72 2.69
C GLU A 10 9.19 14.04 4.16
N GLN A 11 8.33 13.43 4.94
CA GLN A 11 8.22 13.64 6.37
C GLN A 11 8.61 12.36 7.12
N LEU A 12 8.64 11.24 6.39
CA LEU A 12 9.06 9.97 6.97
C LEU A 12 10.57 9.94 7.04
N THR A 13 11.09 9.22 8.01
CA THR A 13 12.52 9.06 8.14
C THR A 13 13.03 8.09 7.10
N GLU A 14 14.34 7.93 7.07
CA GLU A 14 14.96 6.97 6.16
C GLU A 14 14.38 5.57 6.37
N GLU A 15 14.45 5.10 7.62
CA GLU A 15 13.93 3.77 7.96
C GLU A 15 12.43 3.67 7.70
N GLN A 16 11.71 4.78 7.86
CA GLN A 16 10.28 4.81 7.62
C GLN A 16 9.94 4.33 6.23
N LYS A 17 10.56 4.97 5.26
CA LYS A 17 10.29 4.68 3.89
C LYS A 17 10.95 3.37 3.47
N ASN A 18 12.03 3.03 4.16
CA ASN A 18 12.75 1.78 3.89
C ASN A 18 11.92 0.57 4.33
N GLU A 19 11.22 0.72 5.45
CA GLU A 19 10.36 -0.33 5.98
C GLU A 19 9.20 -0.58 5.04
N PHE A 20 8.61 0.52 4.62
CA PHE A 20 7.47 0.47 3.72
C PHE A 20 7.88 0.02 2.32
N LYS A 21 9.07 0.43 1.90
CA LYS A 21 9.67 -0.04 0.65
C LYS A 21 9.58 -1.53 0.56
N ALA A 22 10.04 -2.15 1.62
CA ALA A 22 10.09 -3.58 1.65
C ALA A 22 8.75 -4.17 1.25
N ALA A 23 7.69 -3.76 1.94
CA ALA A 23 6.35 -4.25 1.64
C ALA A 23 6.00 -4.07 0.17
N PHE A 24 6.37 -2.93 -0.40
CA PHE A 24 6.24 -2.69 -1.84
C PHE A 24 6.87 -3.82 -2.64
N ASP A 25 8.16 -3.96 -2.41
CA ASP A 25 9.02 -4.93 -3.08
C ASP A 25 8.49 -6.36 -2.96
N ILE A 26 7.98 -6.67 -1.78
CA ILE A 26 7.47 -8.00 -1.48
C ILE A 26 6.08 -8.16 -2.07
N PHE A 27 5.40 -7.05 -2.20
CA PHE A 27 4.13 -6.99 -2.88
C PHE A 27 4.33 -7.37 -4.33
N VAL A 28 5.49 -7.02 -4.83
CA VAL A 28 5.81 -7.22 -6.23
C VAL A 28 6.74 -8.39 -6.44
N LEU A 29 6.70 -9.36 -5.53
CA LEU A 29 7.49 -10.58 -5.70
C LEU A 29 6.97 -11.30 -6.93
N GLY A 30 7.82 -11.42 -7.93
CA GLY A 30 7.42 -12.06 -9.16
C GLY A 30 6.88 -11.08 -10.18
N ALA A 31 6.94 -9.79 -9.86
CA ALA A 31 6.50 -8.76 -10.79
C ALA A 31 7.60 -8.46 -11.79
N GLU A 32 7.22 -8.36 -13.06
CA GLU A 32 8.18 -8.16 -14.13
C GLU A 32 8.66 -6.71 -14.18
N ASP A 33 7.84 -5.80 -13.68
CA ASP A 33 8.23 -4.40 -13.64
C ASP A 33 8.57 -3.97 -12.21
N GLY A 34 8.10 -4.78 -11.27
CA GLY A 34 8.36 -4.49 -9.86
C GLY A 34 7.53 -3.35 -9.33
N SER A 35 6.51 -2.98 -10.09
CA SER A 35 5.51 -2.04 -9.63
C SER A 35 4.26 -2.88 -9.35
N ILE A 36 3.46 -2.48 -8.38
CA ILE A 36 2.34 -3.30 -7.95
C ILE A 36 1.24 -3.24 -8.97
N SER A 37 1.06 -4.33 -9.67
CA SER A 37 -0.09 -4.47 -10.53
C SER A 37 -1.25 -4.96 -9.67
N THR A 38 -2.41 -5.10 -10.24
CA THR A 38 -3.57 -5.42 -9.45
C THR A 38 -3.52 -6.82 -8.87
N LYS A 39 -2.92 -7.77 -9.59
CA LYS A 39 -2.78 -9.10 -9.01
C LYS A 39 -1.56 -9.18 -8.10
N GLU A 40 -0.54 -8.36 -8.37
CA GLU A 40 0.55 -8.16 -7.42
C GLU A 40 -0.05 -7.70 -6.08
N LEU A 41 -0.93 -6.72 -6.21
CA LEU A 41 -1.71 -6.19 -5.10
C LEU A 41 -2.60 -7.28 -4.49
N GLY A 42 -3.28 -8.02 -5.37
CA GLY A 42 -4.20 -9.07 -4.96
C GLY A 42 -3.53 -10.17 -4.18
N LYS A 43 -2.31 -10.49 -4.56
CA LYS A 43 -1.52 -11.52 -3.90
C LYS A 43 -1.43 -11.24 -2.40
N VAL A 44 -1.12 -10.00 -2.05
CA VAL A 44 -1.00 -9.64 -0.65
C VAL A 44 -2.34 -9.57 0.01
N MET A 45 -3.29 -8.98 -0.69
CA MET A 45 -4.64 -8.94 -0.18
C MET A 45 -5.10 -10.34 0.22
N ARG A 46 -4.86 -11.32 -0.65
CA ARG A 46 -5.19 -12.69 -0.33
C ARG A 46 -4.31 -13.24 0.78
N MET A 47 -3.12 -12.65 0.90
CA MET A 47 -2.22 -12.94 1.99
C MET A 47 -2.74 -12.34 3.30
N LEU A 48 -3.73 -11.46 3.18
CA LEU A 48 -4.32 -10.78 4.31
C LEU A 48 -5.73 -11.28 4.61
N GLY A 49 -6.09 -12.42 4.04
CA GLY A 49 -7.43 -12.94 4.22
C GLY A 49 -8.45 -12.29 3.29
N GLN A 50 -7.98 -11.40 2.42
CA GLN A 50 -8.85 -10.77 1.45
C GLN A 50 -9.01 -11.66 0.24
N ASN A 51 -10.01 -11.40 -0.58
CA ASN A 51 -10.13 -12.07 -1.86
C ASN A 51 -10.69 -11.11 -2.91
N PRO A 52 -9.89 -10.09 -3.21
CA PRO A 52 -10.23 -9.05 -4.19
C PRO A 52 -10.49 -9.55 -5.59
N THR A 53 -11.10 -8.69 -6.37
CA THR A 53 -11.02 -8.79 -7.79
C THR A 53 -10.17 -7.65 -8.31
N PRO A 54 -9.52 -7.84 -9.46
CA PRO A 54 -8.65 -6.81 -10.06
C PRO A 54 -9.32 -5.45 -10.18
N GLU A 55 -10.63 -5.47 -10.41
CA GLU A 55 -11.45 -4.27 -10.42
C GLU A 55 -11.22 -3.43 -9.18
N GLU A 56 -11.37 -4.09 -8.05
CA GLU A 56 -11.19 -3.51 -6.74
C GLU A 56 -9.77 -3.04 -6.54
N LEU A 57 -8.88 -3.99 -6.68
CA LEU A 57 -7.44 -3.78 -6.63
C LEU A 57 -7.00 -2.60 -7.49
N GLN A 58 -7.67 -2.42 -8.62
CA GLN A 58 -7.36 -1.32 -9.51
C GLN A 58 -7.66 0.00 -8.83
N GLU A 59 -8.81 0.10 -8.18
CA GLU A 59 -9.20 1.30 -7.46
C GLU A 59 -8.18 1.68 -6.40
N MET A 60 -7.59 0.67 -5.75
CA MET A 60 -6.56 0.90 -4.74
C MET A 60 -5.36 1.57 -5.38
N ILE A 61 -4.87 0.94 -6.44
CA ILE A 61 -3.76 1.46 -7.24
C ILE A 61 -4.09 2.84 -7.79
N ASP A 62 -5.33 2.99 -8.26
CA ASP A 62 -5.79 4.21 -8.92
C ASP A 62 -5.62 5.45 -8.06
N GLU A 63 -5.82 5.30 -6.75
CA GLU A 63 -5.70 6.41 -5.81
C GLU A 63 -4.36 7.14 -5.98
N VAL A 64 -3.31 6.36 -5.97
CA VAL A 64 -1.96 6.89 -6.00
C VAL A 64 -1.40 6.90 -7.42
N ASP A 65 -2.11 6.20 -8.29
CA ASP A 65 -1.68 5.98 -9.68
C ASP A 65 -1.65 7.29 -10.47
N GLU A 66 -0.56 8.03 -10.32
CA GLU A 66 -0.38 9.29 -10.98
C GLU A 66 -0.11 9.09 -12.48
N ASP A 67 0.66 8.07 -12.80
CA ASP A 67 1.09 7.85 -14.18
C ASP A 67 -0.02 7.14 -14.98
N GLY A 68 -1.05 6.71 -14.28
CA GLY A 68 -2.11 5.96 -14.90
C GLY A 68 -1.61 4.65 -15.46
N SER A 69 -0.60 4.09 -14.82
CA SER A 69 0.09 2.91 -15.31
C SER A 69 -0.63 1.64 -14.86
N GLY A 70 -1.49 1.77 -13.86
CA GLY A 70 -2.17 0.61 -13.33
C GLY A 70 -1.31 -0.13 -12.34
N THR A 71 -0.19 0.50 -12.02
CA THR A 71 0.74 -0.04 -11.07
C THR A 71 1.13 1.01 -10.07
N VAL A 72 1.32 0.56 -8.85
CA VAL A 72 1.97 1.35 -7.86
C VAL A 72 3.45 1.13 -7.90
N ASP A 73 4.18 2.20 -7.85
CA ASP A 73 5.60 2.08 -7.64
C ASP A 73 5.88 2.62 -6.25
N PHE A 74 7.12 2.52 -5.80
CA PHE A 74 7.45 2.67 -4.39
C PHE A 74 6.82 3.90 -3.73
N ASP A 75 7.03 5.07 -4.29
CA ASP A 75 6.54 6.30 -3.69
C ASP A 75 5.03 6.38 -3.73
N GLU A 76 4.45 5.79 -4.77
CA GLU A 76 3.00 5.67 -4.87
C GLU A 76 2.46 4.89 -3.69
N PHE A 77 3.03 3.73 -3.50
CA PHE A 77 2.76 2.86 -2.34
C PHE A 77 2.92 3.63 -1.04
N LEU A 78 4.01 4.35 -0.98
CA LEU A 78 4.51 4.95 0.24
C LEU A 78 3.60 6.04 0.81
N VAL A 79 2.92 6.78 -0.04
CA VAL A 79 1.92 7.72 0.41
C VAL A 79 0.71 7.01 0.94
N MET A 80 0.22 6.05 0.19
CA MET A 80 -0.91 5.29 0.63
C MET A 80 -0.53 4.53 1.89
N MET A 81 0.76 4.21 2.03
CA MET A 81 1.28 3.70 3.26
C MET A 81 0.94 4.62 4.42
N VAL A 82 1.35 5.89 4.30
CA VAL A 82 1.00 6.91 5.28
C VAL A 82 -0.49 6.90 5.49
N ARG A 83 -1.18 7.02 4.38
CA ARG A 83 -2.63 7.07 4.36
C ARG A 83 -3.24 5.85 5.04
N SER A 84 -2.55 4.73 4.94
CA SER A 84 -3.03 3.48 5.48
C SER A 84 -2.87 3.45 6.99
N MET A 85 -1.78 4.04 7.48
CA MET A 85 -1.54 4.11 8.91
C MET A 85 -2.21 5.34 9.50
N LYS A 86 -2.43 6.33 8.64
CA LYS A 86 -3.14 7.55 9.00
C LYS A 86 -4.63 7.41 8.66
N ASP A 87 -5.05 6.18 8.42
CA ASP A 87 -6.41 5.87 7.97
C ASP A 87 -7.48 6.33 8.96
N ASP A 88 -7.48 5.76 10.16
CA ASP A 88 -8.51 6.09 11.15
C ASP A 88 -8.32 7.51 11.66
N SER A 89 -7.11 8.02 11.54
CA SER A 89 -6.81 9.35 12.01
C SER A 89 -7.10 10.41 10.94
N LYS A 90 -7.87 10.03 9.93
CA LYS A 90 -8.31 10.98 8.91
C LYS A 90 -9.54 11.74 9.41
N GLY A 91 -9.36 12.44 10.52
CA GLY A 91 -10.47 13.15 11.13
C GLY A 91 -11.39 12.21 11.89
N LYS A 92 -10.91 10.99 12.12
CA LYS A 92 -11.68 9.94 12.77
C LYS A 92 -12.92 9.58 11.97
N PHE A 93 -12.89 9.87 10.68
CA PHE A 93 -14.03 9.63 9.83
C PHE A 93 -13.62 9.71 8.37
N LYS A 94 -13.76 8.60 7.66
CA LYS A 94 -13.42 8.53 6.26
C LYS A 94 -14.28 7.49 5.58
N ARG A 95 -14.62 7.73 4.32
CA ARG A 95 -15.49 6.83 3.60
C ARG A 95 -14.71 5.79 2.83
N PRO A 96 -15.28 4.60 2.72
CA PRO A 96 -14.70 3.46 2.02
C PRO A 96 -14.87 3.65 0.52
N THR A 97 -13.78 3.53 -0.20
CA THR A 97 -13.79 3.83 -1.61
C THR A 97 -13.96 2.57 -2.45
N LEU A 98 -14.34 1.49 -1.78
CA LEU A 98 -14.29 0.19 -2.39
C LEU A 98 -14.94 -0.87 -1.52
N ARG A 99 -15.01 -2.10 -2.04
CA ARG A 99 -15.66 -3.21 -1.36
C ARG A 99 -14.80 -3.71 -0.20
N ARG A 100 -15.37 -4.68 0.55
CA ARG A 100 -14.87 -5.12 1.86
C ARG A 100 -13.37 -5.46 1.89
N VAL A 101 -12.76 -5.64 0.74
CA VAL A 101 -11.34 -5.93 0.67
C VAL A 101 -10.51 -4.67 0.92
N ARG A 102 -10.13 -4.43 2.17
CA ARG A 102 -9.39 -3.24 2.51
C ARG A 102 -8.11 -3.61 3.25
N ILE A 103 -7.03 -2.95 2.88
CA ILE A 103 -5.72 -3.22 3.46
C ILE A 103 -5.38 -2.26 4.60
N SER A 104 -4.98 -2.81 5.74
CA SER A 104 -4.44 -2.02 6.84
C SER A 104 -2.93 -1.91 6.69
N ALA A 105 -2.36 -0.82 7.17
CA ALA A 105 -0.95 -0.53 6.96
C ALA A 105 -0.06 -1.66 7.43
N ASP A 106 -0.10 -1.93 8.73
CA ASP A 106 0.77 -2.93 9.33
C ASP A 106 0.35 -4.32 8.93
N ALA A 107 -0.95 -4.59 8.94
CA ALA A 107 -1.45 -5.91 8.63
C ALA A 107 -1.02 -6.34 7.23
N MET A 108 -1.17 -5.44 6.25
CA MET A 108 -0.66 -5.69 4.92
C MET A 108 0.85 -5.84 4.98
N MET A 109 1.48 -4.81 5.53
CA MET A 109 2.93 -4.73 5.61
C MET A 109 3.52 -6.01 6.13
N GLN A 110 2.91 -6.53 7.20
CA GLN A 110 3.43 -7.68 7.89
C GLN A 110 3.35 -8.94 7.04
N ALA A 111 2.33 -9.01 6.19
CA ALA A 111 2.21 -10.12 5.26
C ALA A 111 3.46 -10.20 4.40
N LEU A 112 3.97 -9.04 4.02
CA LEU A 112 5.24 -8.96 3.31
C LEU A 112 6.41 -9.05 4.30
N LEU A 113 6.20 -8.48 5.46
CA LEU A 113 7.27 -7.99 6.33
C LEU A 113 7.91 -9.07 7.18
N GLY A 114 7.72 -10.33 6.84
CA GLY A 114 8.40 -11.39 7.58
C GLY A 114 9.91 -11.18 7.57
N ALA A 115 10.37 -10.32 6.68
CA ALA A 115 11.77 -9.93 6.60
C ALA A 115 12.27 -9.28 7.89
N ARG A 116 11.49 -8.35 8.44
CA ARG A 116 11.96 -7.60 9.62
C ARG A 116 10.83 -7.31 10.62
N ALA A 117 9.66 -7.89 10.40
CA ALA A 117 8.51 -7.59 11.26
C ALA A 117 8.59 -8.33 12.60
N LYS A 118 9.79 -8.47 13.15
CA LYS A 118 10.03 -9.27 14.35
C LYS A 118 9.87 -10.76 14.03
N GLY A 119 8.67 -11.14 13.60
CA GLY A 119 8.39 -12.51 13.27
C GLY A 119 7.59 -12.64 11.98
N HIS A 120 6.34 -12.19 12.03
CA HIS A 120 5.46 -12.27 10.87
C HIS A 120 4.72 -10.95 10.64
CAA 9XG B . -8.61 0.54 -0.19
CAB 9XG B . -1.28 -0.98 -3.49
CAC 9XG B . -2.05 0.11 -3.87
CAD 9XG B . -1.40 -1.50 -2.20
CAE 9XG B . -6.51 2.98 -1.98
CAF 9XG B . -7.63 2.35 -1.46
CAG 9XG B . -2.92 0.70 -2.96
CAH 9XG B . -2.30 -0.93 -1.31
CAI 9XG B . -5.24 2.44 -1.77
CAJ 9XG B . -6.22 0.63 -0.52
CAL 9XG B . -7.48 1.17 -0.73
CAM 9XG B . -3.06 0.19 -1.68
CAN 9XG B . -5.09 1.26 -1.04
NAK 9XG B . -3.89 0.75 -0.82
HAB 9XG B . -8.32 0.00 0.71
HAC 9XG B . -9.02 -0.15 -0.92
HAA 9XG B . -9.35 1.30 0.06
HAD 9XG B . -0.57 -1.41 -4.19
HAE 9XG B . -2.01 0.48 -4.89
HAF 9XG B . -0.82 -2.36 -1.91
HAG 9XG B . -6.63 3.90 -2.54
HAH 9XG B . -8.62 2.76 -1.62
HAI 9XG B . -3.47 1.60 -3.26
HAJ 9XG B . -2.42 -1.35 -0.32
HAK 9XG B . -4.36 2.95 -2.17
HAL 9XG B . -6.10 -0.29 0.04
HAM 9XG B . -3.58 0.80 0.13
N MET A 1 -3.96 10.99 -5.25
CA MET A 1 -2.84 10.83 -4.30
C MET A 1 -2.67 12.11 -3.49
N ASP A 2 -3.02 12.05 -2.21
CA ASP A 2 -2.92 13.21 -1.33
C ASP A 2 -1.55 13.78 -1.32
N ASP A 3 -1.45 15.04 -1.68
CA ASP A 3 -0.20 15.73 -1.64
C ASP A 3 0.24 15.97 -0.20
N ILE A 4 -0.68 15.85 0.74
CA ILE A 4 -0.31 15.95 2.15
C ILE A 4 0.57 14.77 2.52
N TYR A 5 0.17 13.60 2.06
CA TYR A 5 0.94 12.41 2.32
C TYR A 5 2.09 12.31 1.34
N LYS A 6 1.93 12.92 0.16
CA LYS A 6 3.03 13.06 -0.78
C LYS A 6 4.19 13.81 -0.12
N ALA A 7 3.85 14.73 0.78
CA ALA A 7 4.82 15.37 1.66
C ALA A 7 5.16 14.50 2.87
N ALA A 8 4.24 13.67 3.30
CA ALA A 8 4.46 12.94 4.53
C ALA A 8 5.51 11.86 4.38
N VAL A 9 5.67 11.35 3.17
CA VAL A 9 6.78 10.46 2.88
C VAL A 9 8.09 11.24 2.87
N GLU A 10 7.97 12.52 2.54
CA GLU A 10 9.08 13.44 2.62
C GLU A 10 9.37 13.73 4.08
N GLN A 11 8.32 13.51 4.86
CA GLN A 11 8.29 13.69 6.29
C GLN A 11 8.78 12.43 7.01
N LEU A 12 8.59 11.26 6.39
CA LEU A 12 9.03 10.00 6.97
C LEU A 12 10.54 9.98 7.08
N THR A 13 11.03 9.20 8.03
CA THR A 13 12.45 9.05 8.24
C THR A 13 13.02 8.03 7.27
N GLU A 14 14.32 7.85 7.29
CA GLU A 14 14.95 6.81 6.51
C GLU A 14 14.31 5.45 6.82
N GLU A 15 14.32 5.10 8.09
CA GLU A 15 13.74 3.84 8.57
C GLU A 15 12.29 3.72 8.16
N GLN A 16 11.58 4.84 8.11
CA GLN A 16 10.18 4.86 7.73
C GLN A 16 9.99 4.38 6.30
N LYS A 17 10.69 5.01 5.38
CA LYS A 17 10.56 4.69 3.98
C LYS A 17 11.21 3.34 3.69
N ASN A 18 12.21 2.99 4.48
CA ASN A 18 12.95 1.75 4.29
C ASN A 18 12.04 0.54 4.54
N GLU A 19 11.31 0.60 5.63
CA GLU A 19 10.33 -0.43 5.98
C GLU A 19 9.30 -0.56 4.87
N PHE A 20 8.67 0.55 4.59
CA PHE A 20 7.55 0.63 3.67
C PHE A 20 7.96 0.26 2.25
N LYS A 21 9.23 0.49 1.90
CA LYS A 21 9.77 0.01 0.63
C LYS A 21 9.64 -1.48 0.55
N ALA A 22 10.04 -2.12 1.61
CA ALA A 22 10.11 -3.54 1.63
C ALA A 22 8.77 -4.15 1.27
N ALA A 23 7.72 -3.62 1.87
CA ALA A 23 6.37 -4.12 1.61
C ALA A 23 6.05 -3.98 0.13
N PHE A 24 6.36 -2.82 -0.44
CA PHE A 24 6.25 -2.61 -1.89
C PHE A 24 6.93 -3.74 -2.65
N ASP A 25 8.19 -3.89 -2.32
CA ASP A 25 9.07 -4.86 -2.96
C ASP A 25 8.54 -6.31 -2.91
N ILE A 26 7.97 -6.71 -1.80
CA ILE A 26 7.47 -8.07 -1.63
C ILE A 26 6.06 -8.18 -2.19
N PHE A 27 5.41 -7.04 -2.20
CA PHE A 27 4.13 -6.88 -2.85
C PHE A 27 4.27 -7.23 -4.31
N VAL A 28 5.47 -7.02 -4.80
CA VAL A 28 5.76 -7.22 -6.20
C VAL A 28 6.64 -8.45 -6.39
N LEU A 29 6.51 -9.44 -5.50
CA LEU A 29 7.30 -10.68 -5.62
C LEU A 29 7.08 -11.33 -6.98
N GLY A 30 8.14 -11.40 -7.77
CA GLY A 30 8.04 -12.00 -9.09
C GLY A 30 7.40 -11.08 -10.11
N ALA A 31 7.24 -9.81 -9.76
CA ALA A 31 6.65 -8.84 -10.69
C ALA A 31 7.66 -8.44 -11.73
N GLU A 32 7.20 -8.41 -12.97
CA GLU A 32 8.04 -8.14 -14.13
C GLU A 32 8.57 -6.71 -14.08
N ASP A 33 7.70 -5.77 -13.72
CA ASP A 33 8.09 -4.37 -13.66
C ASP A 33 8.46 -3.97 -12.24
N GLY A 34 8.03 -4.78 -11.28
CA GLY A 34 8.32 -4.49 -9.89
C GLY A 34 7.45 -3.37 -9.35
N SER A 35 6.42 -3.05 -10.11
CA SER A 35 5.42 -2.12 -9.65
C SER A 35 4.17 -2.94 -9.31
N ILE A 36 3.41 -2.51 -8.33
CA ILE A 36 2.28 -3.29 -7.84
C ILE A 36 1.16 -3.17 -8.84
N SER A 37 0.90 -4.26 -9.54
CA SER A 37 -0.28 -4.32 -10.35
C SER A 37 -1.43 -4.80 -9.50
N THR A 38 -2.60 -4.93 -10.08
CA THR A 38 -3.75 -5.31 -9.30
C THR A 38 -3.65 -6.72 -8.75
N LYS A 39 -3.08 -7.65 -9.51
CA LYS A 39 -2.92 -9.00 -8.99
C LYS A 39 -1.69 -9.10 -8.10
N GLU A 40 -0.67 -8.29 -8.35
CA GLU A 40 0.42 -8.12 -7.38
C GLU A 40 -0.18 -7.67 -6.04
N LEU A 41 -1.05 -6.66 -6.12
CA LEU A 41 -1.80 -6.15 -4.98
C LEU A 41 -2.70 -7.27 -4.40
N GLY A 42 -3.35 -8.01 -5.30
CA GLY A 42 -4.26 -9.06 -4.92
C GLY A 42 -3.57 -10.15 -4.14
N LYS A 43 -2.33 -10.43 -4.53
CA LYS A 43 -1.50 -11.42 -3.85
C LYS A 43 -1.50 -11.18 -2.34
N VAL A 44 -1.20 -9.95 -1.95
CA VAL A 44 -1.06 -9.60 -0.54
C VAL A 44 -2.38 -9.60 0.16
N MET A 45 -3.37 -9.11 -0.53
CA MET A 45 -4.73 -9.20 -0.05
C MET A 45 -5.07 -10.64 0.30
N ARG A 46 -4.77 -11.57 -0.61
CA ARG A 46 -5.01 -12.99 -0.36
C ARG A 46 -4.08 -13.52 0.73
N MET A 47 -2.91 -12.89 0.84
CA MET A 47 -1.99 -13.14 1.91
C MET A 47 -2.60 -12.70 3.25
N LEU A 48 -3.64 -11.88 3.18
CA LEU A 48 -4.34 -11.38 4.36
C LEU A 48 -5.68 -12.09 4.57
N GLY A 49 -6.04 -12.97 3.64
CA GLY A 49 -7.32 -13.63 3.72
C GLY A 49 -8.35 -12.98 2.82
N GLN A 50 -7.94 -11.93 2.11
CA GLN A 50 -8.78 -11.29 1.11
C GLN A 50 -8.81 -12.14 -0.16
N ASN A 51 -9.79 -11.91 -1.02
CA ASN A 51 -9.75 -12.44 -2.38
C ASN A 51 -10.46 -11.47 -3.33
N PRO A 52 -9.78 -10.33 -3.59
CA PRO A 52 -10.25 -9.30 -4.52
C PRO A 52 -10.39 -9.76 -5.95
N THR A 53 -11.08 -8.92 -6.70
CA THR A 53 -10.96 -8.92 -8.12
C THR A 53 -10.17 -7.69 -8.54
N PRO A 54 -9.45 -7.75 -9.66
CA PRO A 54 -8.65 -6.63 -10.17
C PRO A 54 -9.41 -5.30 -10.17
N GLU A 55 -10.72 -5.37 -10.33
CA GLU A 55 -11.59 -4.21 -10.27
C GLU A 55 -11.41 -3.43 -8.98
N GLU A 56 -11.59 -4.14 -7.88
CA GLU A 56 -11.46 -3.59 -6.55
C GLU A 56 -10.05 -3.06 -6.33
N LEU A 57 -9.13 -3.97 -6.51
CA LEU A 57 -7.69 -3.74 -6.47
C LEU A 57 -7.26 -2.51 -7.26
N GLN A 58 -7.85 -2.32 -8.42
CA GLN A 58 -7.50 -1.22 -9.29
C GLN A 58 -7.72 0.11 -8.60
N GLU A 59 -8.83 0.21 -7.89
CA GLU A 59 -9.19 1.45 -7.21
C GLU A 59 -8.18 1.80 -6.13
N MET A 60 -7.63 0.78 -5.47
CA MET A 60 -6.64 1.00 -4.44
C MET A 60 -5.37 1.54 -5.07
N ILE A 61 -5.08 1.02 -6.25
CA ILE A 61 -3.97 1.51 -7.07
C ILE A 61 -4.26 2.90 -7.61
N ASP A 62 -5.49 3.12 -8.04
CA ASP A 62 -5.91 4.40 -8.62
C ASP A 62 -5.67 5.59 -7.68
N GLU A 63 -5.81 5.36 -6.38
CA GLU A 63 -5.54 6.39 -5.36
C GLU A 63 -4.22 7.07 -5.63
N VAL A 64 -3.26 6.25 -5.96
CA VAL A 64 -1.86 6.62 -6.02
C VAL A 64 -1.40 6.72 -7.47
N ASP A 65 -2.16 6.07 -8.35
CA ASP A 65 -1.82 5.92 -9.76
C ASP A 65 -1.79 7.27 -10.46
N GLU A 66 -0.66 7.96 -10.35
CA GLU A 66 -0.48 9.25 -10.95
C GLU A 66 -0.03 9.11 -12.40
N ASP A 67 0.56 7.97 -12.74
CA ASP A 67 1.07 7.76 -14.09
C ASP A 67 0.02 7.12 -14.99
N GLY A 68 -1.11 6.76 -14.39
CA GLY A 68 -2.19 6.12 -15.13
C GLY A 68 -1.80 4.77 -15.66
N SER A 69 -0.90 4.11 -14.94
CA SER A 69 -0.30 2.87 -15.40
C SER A 69 -1.04 1.67 -14.82
N GLY A 70 -1.79 1.90 -13.75
CA GLY A 70 -2.48 0.81 -13.10
C GLY A 70 -1.55 0.01 -12.21
N THR A 71 -0.43 0.61 -11.87
CA THR A 71 0.55 -0.02 -11.01
C THR A 71 1.08 1.00 -10.02
N VAL A 72 1.45 0.52 -8.85
CA VAL A 72 2.13 1.35 -7.86
C VAL A 72 3.63 1.17 -7.92
N ASP A 73 4.34 2.27 -7.82
CA ASP A 73 5.77 2.21 -7.58
C ASP A 73 6.03 2.70 -6.16
N PHE A 74 7.28 2.68 -5.74
CA PHE A 74 7.63 2.85 -4.33
C PHE A 74 6.96 4.06 -3.70
N ASP A 75 7.11 5.24 -4.30
CA ASP A 75 6.57 6.46 -3.69
C ASP A 75 5.05 6.43 -3.72
N GLU A 76 4.49 5.79 -4.74
CA GLU A 76 3.05 5.61 -4.83
C GLU A 76 2.55 4.82 -3.62
N PHE A 77 3.17 3.67 -3.44
CA PHE A 77 2.93 2.81 -2.29
C PHE A 77 3.15 3.59 -1.01
N LEU A 78 4.17 4.44 -1.05
CA LEU A 78 4.68 5.07 0.16
C LEU A 78 3.78 6.19 0.65
N VAL A 79 3.26 7.02 -0.24
CA VAL A 79 2.28 8.00 0.19
C VAL A 79 1.05 7.32 0.68
N MET A 80 0.60 6.33 -0.05
CA MET A 80 -0.55 5.58 0.36
C MET A 80 -0.25 4.88 1.68
N MET A 81 1.00 4.48 1.86
CA MET A 81 1.45 3.87 3.11
C MET A 81 1.20 4.81 4.27
N VAL A 82 1.80 6.00 4.22
CA VAL A 82 1.61 6.98 5.26
C VAL A 82 0.15 7.42 5.32
N ARG A 83 -0.54 7.32 4.19
CA ARG A 83 -1.95 7.66 4.11
C ARG A 83 -2.80 6.64 4.87
N SER A 84 -2.56 5.37 4.61
CA SER A 84 -3.36 4.29 5.18
C SER A 84 -3.14 4.18 6.69
N MET A 85 -1.90 4.37 7.13
CA MET A 85 -1.58 4.24 8.53
C MET A 85 -2.03 5.48 9.32
N LYS A 86 -1.98 6.65 8.69
CA LYS A 86 -2.48 7.86 9.31
C LYS A 86 -3.99 7.92 9.27
N ASP A 87 -4.55 7.22 8.28
CA ASP A 87 -5.98 7.25 7.97
C ASP A 87 -6.34 8.58 7.29
N ASP A 88 -7.27 8.52 6.34
CA ASP A 88 -7.56 9.66 5.48
C ASP A 88 -8.46 10.68 6.17
N SER A 89 -9.07 10.30 7.28
CA SER A 89 -10.05 11.15 7.97
C SER A 89 -9.38 12.26 8.78
N LYS A 90 -8.25 12.76 8.30
CA LYS A 90 -7.65 13.93 8.90
C LYS A 90 -8.53 15.13 8.61
N GLY A 91 -9.05 15.17 7.39
CA GLY A 91 -10.02 16.17 7.02
C GLY A 91 -11.43 15.63 7.14
N LYS A 92 -11.57 14.57 7.92
CA LYS A 92 -12.86 13.97 8.24
C LYS A 92 -13.61 13.46 7.02
N PHE A 93 -14.83 13.94 6.84
CA PHE A 93 -15.78 13.32 5.92
C PHE A 93 -15.59 13.78 4.48
N LYS A 94 -14.48 13.36 3.88
CA LYS A 94 -14.28 13.53 2.45
C LYS A 94 -13.19 12.58 1.97
N ARG A 95 -13.38 11.29 2.25
CA ARG A 95 -12.38 10.31 1.89
C ARG A 95 -12.87 9.29 0.86
N PRO A 96 -11.99 8.99 -0.09
CA PRO A 96 -12.15 7.92 -1.07
C PRO A 96 -11.75 6.58 -0.46
N THR A 97 -12.55 5.55 -0.64
CA THR A 97 -12.25 4.28 -0.03
C THR A 97 -12.71 3.10 -0.89
N LEU A 98 -13.88 3.22 -1.50
CA LEU A 98 -14.48 2.14 -2.27
C LEU A 98 -14.66 0.89 -1.40
N ARG A 99 -15.85 0.72 -0.86
CA ARG A 99 -16.11 -0.37 0.06
C ARG A 99 -16.20 -1.71 -0.68
N ARG A 100 -15.05 -2.23 -1.05
CA ARG A 100 -14.95 -3.53 -1.64
C ARG A 100 -14.13 -4.45 -0.76
N VAL A 101 -12.92 -3.98 -0.50
CA VAL A 101 -11.94 -4.67 0.31
C VAL A 101 -10.92 -3.64 0.78
N ARG A 102 -10.51 -3.73 2.03
CA ARG A 102 -9.61 -2.72 2.54
C ARG A 102 -8.39 -3.37 3.19
N ILE A 103 -7.21 -2.95 2.73
CA ILE A 103 -5.95 -3.39 3.32
C ILE A 103 -5.53 -2.44 4.44
N SER A 104 -5.14 -3.01 5.56
CA SER A 104 -4.55 -2.22 6.63
C SER A 104 -3.07 -2.06 6.38
N ALA A 105 -2.52 -0.89 6.67
CA ALA A 105 -1.14 -0.59 6.32
C ALA A 105 -0.16 -1.63 6.84
N ASP A 106 -0.09 -1.75 8.16
CA ASP A 106 0.87 -2.66 8.79
C ASP A 106 0.46 -4.10 8.63
N ALA A 107 -0.83 -4.38 8.66
CA ALA A 107 -1.30 -5.76 8.56
C ALA A 107 -0.99 -6.33 7.19
N MET A 108 -1.18 -5.52 6.16
CA MET A 108 -0.74 -5.89 4.83
C MET A 108 0.76 -6.09 4.83
N MET A 109 1.44 -5.04 5.32
CA MET A 109 2.88 -5.03 5.43
C MET A 109 3.37 -6.32 6.06
N GLN A 110 2.75 -6.69 7.16
CA GLN A 110 3.19 -7.80 7.97
C GLN A 110 3.14 -9.11 7.22
N ALA A 111 2.21 -9.20 6.28
CA ALA A 111 2.07 -10.40 5.47
C ALA A 111 3.38 -10.69 4.73
N LEU A 112 3.90 -9.67 4.06
CA LEU A 112 5.15 -9.78 3.31
C LEU A 112 6.37 -9.52 4.19
N LEU A 113 6.19 -8.68 5.18
CA LEU A 113 7.28 -8.09 5.94
C LEU A 113 8.04 -9.08 6.80
N GLY A 114 7.98 -10.37 6.50
CA GLY A 114 8.71 -11.35 7.28
C GLY A 114 10.17 -10.98 7.51
N ALA A 115 10.68 -10.07 6.70
CA ALA A 115 12.02 -9.52 6.84
C ALA A 115 12.15 -8.68 8.12
N ARG A 116 11.12 -7.89 8.43
CA ARG A 116 11.17 -6.93 9.53
C ARG A 116 9.77 -6.57 10.02
N ALA A 117 8.88 -7.56 10.06
CA ALA A 117 7.49 -7.32 10.43
C ALA A 117 7.36 -7.02 11.91
N LYS A 118 6.54 -6.03 12.21
CA LYS A 118 6.36 -5.57 13.56
C LYS A 118 4.89 -5.26 13.79
N GLY A 119 4.53 -5.08 15.05
CA GLY A 119 3.15 -4.81 15.36
C GLY A 119 2.55 -5.92 16.21
N HIS A 120 3.41 -6.64 16.91
CA HIS A 120 2.99 -7.73 17.79
C HIS A 120 2.92 -7.23 19.22
CAA 9XG B . -8.80 1.45 0.34
CAB 9XG B . -0.95 -0.80 -2.76
CAC 9XG B . -1.92 0.05 -3.29
CAD 9XG B . -1.20 -1.45 -1.55
CAE 9XG B . -5.70 3.15 -0.70
CAF 9XG B . -7.01 2.95 -0.29
CAG 9XG B . -3.11 0.26 -2.62
CAH 9XG B . -2.39 -1.25 -0.89
CAI 9XG B . -4.86 2.05 -0.87
CAJ 9XG B . -6.64 0.57 -0.24
CAL 9XG B . -7.48 1.67 -0.06
CAM 9XG B . -3.36 -0.40 -1.42
CAN 9XG B . -5.33 0.76 -0.64
NAK 9XG B . -4.53 -0.30 -0.80
HAB 9XG B . -8.85 0.55 0.94
HAC 9XG B . -9.44 1.34 -0.54
HAA 9XG B . -9.14 2.31 0.94
HAD 9XG B . -0.01 -0.95 -3.29
HAE 9XG B . -1.76 0.53 -4.25
HAF 9XG B . -0.44 -2.12 -1.13
HAG 9XG B . -5.33 4.15 -0.87
HAH 9XG B . -7.67 3.81 -0.16
HAI 9XG B . -3.83 0.98 -3.01
HAJ 9XG B . -2.58 -1.76 0.06
HAK 9XG B . -3.83 2.20 -1.21
HAL 9XG B . -7.01 -0.44 -0.05
HAM 9XG B . -4.89 -1.15 -0.41
N MET A 1 -3.22 11.00 -5.67
CA MET A 1 -2.18 10.85 -4.63
C MET A 1 -2.16 12.07 -3.72
N ASP A 2 -2.54 11.85 -2.48
CA ASP A 2 -2.54 12.88 -1.45
C ASP A 2 -1.18 13.51 -1.30
N ASP A 3 -1.06 14.79 -1.66
CA ASP A 3 0.21 15.49 -1.50
C ASP A 3 0.41 15.84 -0.04
N ILE A 4 -0.67 15.81 0.73
CA ILE A 4 -0.59 15.94 2.17
C ILE A 4 0.25 14.78 2.73
N TYR A 5 -0.05 13.58 2.28
CA TYR A 5 0.71 12.42 2.68
C TYR A 5 1.97 12.32 1.86
N LYS A 6 1.92 12.87 0.64
CA LYS A 6 3.08 12.84 -0.24
C LYS A 6 4.21 13.58 0.46
N ALA A 7 3.81 14.55 1.29
CA ALA A 7 4.70 15.25 2.21
C ALA A 7 5.01 14.40 3.43
N ALA A 8 4.11 13.50 3.80
CA ALA A 8 4.35 12.59 4.92
C ALA A 8 5.53 11.72 4.63
N VAL A 9 5.73 11.37 3.36
CA VAL A 9 6.94 10.70 2.93
C VAL A 9 8.14 11.51 3.34
N GLU A 10 7.97 12.79 3.14
CA GLU A 10 9.04 13.71 3.29
C GLU A 10 9.23 13.99 4.77
N GLN A 11 8.12 13.82 5.44
CA GLN A 11 8.00 13.82 6.87
C GLN A 11 8.52 12.50 7.49
N LEU A 12 8.57 11.43 6.69
CA LEU A 12 9.04 10.15 7.18
C LEU A 12 10.55 10.16 7.28
N THR A 13 11.08 9.22 8.03
CA THR A 13 12.51 9.05 8.14
C THR A 13 12.99 8.09 7.07
N GLU A 14 14.30 7.89 7.00
CA GLU A 14 14.87 6.92 6.10
C GLU A 14 14.24 5.55 6.31
N GLU A 15 14.31 5.08 7.54
CA GLU A 15 13.77 3.76 7.90
C GLU A 15 12.26 3.71 7.68
N GLN A 16 11.59 4.84 7.91
CA GLN A 16 10.16 4.94 7.68
C GLN A 16 9.81 4.53 6.27
N LYS A 17 10.47 5.14 5.32
CA LYS A 17 10.20 4.89 3.93
C LYS A 17 10.77 3.54 3.49
N ASN A 18 11.81 3.06 4.18
CA ASN A 18 12.46 1.81 3.82
C ASN A 18 11.61 0.61 4.23
N GLU A 19 10.94 0.72 5.38
CA GLU A 19 10.02 -0.31 5.84
C GLU A 19 8.88 -0.48 4.87
N PHE A 20 8.30 0.65 4.52
CA PHE A 20 7.20 0.72 3.58
C PHE A 20 7.63 0.24 2.19
N LYS A 21 8.83 0.66 1.77
CA LYS A 21 9.48 0.12 0.59
C LYS A 21 9.43 -1.38 0.58
N ALA A 22 9.89 -1.94 1.66
CA ALA A 22 10.00 -3.37 1.76
C ALA A 22 8.70 -4.04 1.36
N ALA A 23 7.58 -3.58 1.94
CA ALA A 23 6.27 -4.10 1.58
C ALA A 23 6.04 -3.99 0.07
N PHE A 24 6.31 -2.81 -0.50
CA PHE A 24 6.22 -2.61 -1.96
C PHE A 24 6.96 -3.71 -2.69
N ASP A 25 8.18 -3.86 -2.26
CA ASP A 25 9.11 -4.80 -2.83
C ASP A 25 8.65 -6.27 -2.75
N ILE A 26 8.15 -6.71 -1.60
CA ILE A 26 7.66 -8.08 -1.48
C ILE A 26 6.32 -8.22 -2.19
N PHE A 27 5.57 -7.12 -2.20
CA PHE A 27 4.33 -7.01 -2.93
C PHE A 27 4.54 -7.40 -4.38
N VAL A 28 5.74 -7.14 -4.85
CA VAL A 28 6.03 -7.29 -6.27
C VAL A 28 6.97 -8.48 -6.51
N LEU A 29 6.93 -9.49 -5.63
CA LEU A 29 7.82 -10.65 -5.78
C LEU A 29 7.50 -11.42 -7.06
N GLY A 30 8.48 -11.46 -7.97
CA GLY A 30 8.28 -12.12 -9.24
C GLY A 30 7.59 -11.24 -10.26
N ALA A 31 7.36 -9.97 -9.89
CA ALA A 31 6.70 -9.03 -10.77
C ALA A 31 7.60 -8.64 -11.91
N GLU A 32 7.01 -8.67 -13.09
CA GLU A 32 7.69 -8.38 -14.34
C GLU A 32 8.21 -6.95 -14.36
N ASP A 33 7.40 -6.02 -13.83
CA ASP A 33 7.78 -4.61 -13.82
C ASP A 33 8.22 -4.17 -12.43
N GLY A 34 7.93 -5.00 -11.44
CA GLY A 34 8.31 -4.70 -10.07
C GLY A 34 7.50 -3.57 -9.49
N SER A 35 6.44 -3.20 -10.19
CA SER A 35 5.47 -2.28 -9.67
C SER A 35 4.26 -3.11 -9.28
N ILE A 36 3.48 -2.62 -8.35
CA ILE A 36 2.34 -3.38 -7.87
C ILE A 36 1.22 -3.30 -8.88
N SER A 37 0.97 -4.40 -9.55
CA SER A 37 -0.20 -4.51 -10.40
C SER A 37 -1.36 -4.91 -9.51
N THR A 38 -2.53 -5.10 -10.08
CA THR A 38 -3.68 -5.39 -9.28
C THR A 38 -3.59 -6.75 -8.58
N LYS A 39 -3.13 -7.77 -9.29
CA LYS A 39 -2.94 -9.07 -8.65
C LYS A 39 -1.63 -9.14 -7.87
N GLU A 40 -0.65 -8.29 -8.19
CA GLU A 40 0.50 -8.10 -7.29
C GLU A 40 -0.02 -7.62 -5.94
N LEU A 41 -0.97 -6.70 -6.02
CA LEU A 41 -1.68 -6.18 -4.85
C LEU A 41 -2.58 -7.25 -4.24
N GLY A 42 -3.28 -7.99 -5.10
CA GLY A 42 -4.20 -9.03 -4.67
C GLY A 42 -3.51 -10.19 -3.98
N LYS A 43 -2.25 -10.43 -4.37
CA LYS A 43 -1.38 -11.39 -3.70
C LYS A 43 -1.40 -11.15 -2.21
N VAL A 44 -1.16 -9.92 -1.84
CA VAL A 44 -1.02 -9.53 -0.46
C VAL A 44 -2.38 -9.50 0.23
N MET A 45 -3.38 -9.03 -0.49
CA MET A 45 -4.75 -9.08 0.01
C MET A 45 -5.11 -10.52 0.38
N ARG A 46 -4.83 -11.45 -0.52
CA ARG A 46 -5.11 -12.85 -0.29
C ARG A 46 -4.24 -13.42 0.83
N MET A 47 -3.05 -12.84 0.98
CA MET A 47 -2.17 -13.11 2.07
C MET A 47 -2.80 -12.67 3.39
N LEU A 48 -3.76 -11.75 3.31
CA LEU A 48 -4.45 -11.21 4.48
C LEU A 48 -5.78 -11.92 4.71
N GLY A 49 -6.12 -12.82 3.80
CA GLY A 49 -7.40 -13.48 3.89
C GLY A 49 -8.44 -12.88 2.95
N GLN A 50 -8.04 -11.87 2.18
CA GLN A 50 -8.91 -11.26 1.18
C GLN A 50 -8.91 -12.12 -0.08
N ASN A 51 -9.83 -11.86 -0.98
CA ASN A 51 -9.74 -12.39 -2.32
C ASN A 51 -10.35 -11.41 -3.30
N PRO A 52 -9.66 -10.27 -3.47
CA PRO A 52 -10.09 -9.20 -4.37
C PRO A 52 -10.24 -9.61 -5.80
N THR A 53 -10.93 -8.78 -6.52
CA THR A 53 -10.86 -8.79 -7.94
C THR A 53 -10.19 -7.50 -8.38
N PRO A 54 -9.41 -7.57 -9.48
CA PRO A 54 -8.59 -6.47 -9.97
C PRO A 54 -9.31 -5.14 -10.07
N GLU A 55 -10.63 -5.17 -10.19
CA GLU A 55 -11.44 -3.96 -10.20
C GLU A 55 -11.29 -3.20 -8.91
N GLU A 56 -11.57 -3.88 -7.82
CA GLU A 56 -11.39 -3.38 -6.48
C GLU A 56 -9.96 -2.89 -6.29
N LEU A 57 -9.06 -3.83 -6.50
CA LEU A 57 -7.62 -3.61 -6.45
C LEU A 57 -7.16 -2.41 -7.27
N GLN A 58 -7.76 -2.24 -8.44
CA GLN A 58 -7.39 -1.16 -9.34
C GLN A 58 -7.56 0.19 -8.66
N GLU A 59 -8.66 0.36 -7.95
CA GLU A 59 -8.94 1.61 -7.27
C GLU A 59 -7.90 1.94 -6.21
N MET A 60 -7.40 0.91 -5.51
CA MET A 60 -6.38 1.11 -4.49
C MET A 60 -5.11 1.63 -5.14
N ILE A 61 -4.85 1.13 -6.34
CA ILE A 61 -3.74 1.57 -7.16
C ILE A 61 -4.00 2.94 -7.75
N ASP A 62 -5.18 3.09 -8.37
CA ASP A 62 -5.58 4.30 -9.07
C ASP A 62 -5.47 5.53 -8.19
N GLU A 63 -5.85 5.37 -6.93
CA GLU A 63 -5.77 6.43 -5.94
C GLU A 63 -4.40 7.11 -5.94
N VAL A 64 -3.33 6.30 -5.89
CA VAL A 64 -1.97 6.83 -5.82
C VAL A 64 -1.32 6.93 -7.18
N ASP A 65 -1.84 6.16 -8.12
CA ASP A 65 -1.28 6.08 -9.47
C ASP A 65 -1.37 7.42 -10.18
N GLU A 66 -0.23 8.10 -10.30
CA GLU A 66 -0.17 9.40 -10.91
C GLU A 66 -0.25 9.30 -12.44
N ASP A 67 0.19 8.17 -12.98
CA ASP A 67 0.29 8.02 -14.43
C ASP A 67 -0.90 7.25 -15.00
N GLY A 68 -1.72 6.73 -14.10
CA GLY A 68 -2.84 5.88 -14.48
C GLY A 68 -2.35 4.62 -15.18
N SER A 69 -1.23 4.11 -14.71
CA SER A 69 -0.54 3.01 -15.35
C SER A 69 -1.16 1.67 -14.96
N GLY A 70 -1.86 1.64 -13.83
CA GLY A 70 -2.43 0.41 -13.34
C GLY A 70 -1.46 -0.32 -12.45
N THR A 71 -0.40 0.38 -12.06
CA THR A 71 0.61 -0.18 -11.20
C THR A 71 1.16 0.89 -10.27
N VAL A 72 1.41 0.49 -9.05
CA VAL A 72 2.06 1.33 -8.08
C VAL A 72 3.56 1.11 -8.05
N ASP A 73 4.30 2.19 -8.05
CA ASP A 73 5.73 2.13 -7.85
C ASP A 73 6.03 2.71 -6.47
N PHE A 74 7.29 2.78 -6.06
CA PHE A 74 7.62 2.92 -4.64
C PHE A 74 6.91 4.09 -3.94
N ASP A 75 7.15 5.33 -4.36
CA ASP A 75 6.53 6.47 -3.68
C ASP A 75 5.00 6.42 -3.76
N GLU A 76 4.48 5.80 -4.81
CA GLU A 76 3.03 5.62 -4.93
C GLU A 76 2.53 4.75 -3.81
N PHE A 77 3.19 3.61 -3.65
CA PHE A 77 2.93 2.70 -2.54
C PHE A 77 3.10 3.42 -1.24
N LEU A 78 4.25 4.05 -1.14
CA LEU A 78 4.71 4.67 0.08
C LEU A 78 3.70 5.63 0.67
N VAL A 79 3.15 6.50 -0.15
CA VAL A 79 2.28 7.50 0.41
C VAL A 79 0.96 6.89 0.86
N MET A 80 0.42 5.97 0.09
CA MET A 80 -0.80 5.31 0.50
C MET A 80 -0.52 4.48 1.73
N MET A 81 0.70 4.04 1.85
CA MET A 81 1.16 3.40 3.07
C MET A 81 1.07 4.34 4.26
N VAL A 82 1.71 5.50 4.19
CA VAL A 82 1.63 6.48 5.27
C VAL A 82 0.20 6.98 5.42
N ARG A 83 -0.56 6.88 4.35
CA ARG A 83 -1.97 7.22 4.37
C ARG A 83 -2.79 6.13 5.06
N SER A 84 -2.57 4.88 4.68
CA SER A 84 -3.33 3.74 5.18
C SER A 84 -3.11 3.56 6.68
N MET A 85 -1.89 3.77 7.12
CA MET A 85 -1.56 3.65 8.54
C MET A 85 -2.10 4.84 9.30
N LYS A 86 -2.35 5.93 8.59
CA LYS A 86 -2.81 7.14 9.21
C LYS A 86 -4.33 7.16 9.30
N ASP A 87 -4.98 6.87 8.17
CA ASP A 87 -6.44 6.92 8.11
C ASP A 87 -7.06 5.69 8.74
N ASP A 88 -6.21 4.77 9.19
CA ASP A 88 -6.66 3.50 9.75
C ASP A 88 -7.66 3.73 10.87
N SER A 89 -7.21 4.40 11.91
CA SER A 89 -8.07 4.66 13.05
C SER A 89 -7.89 6.09 13.54
N LYS A 90 -8.91 6.90 13.34
CA LYS A 90 -8.90 8.29 13.76
C LYS A 90 -10.26 8.63 14.35
N GLY A 91 -10.46 8.21 15.59
CA GLY A 91 -11.75 8.39 16.24
C GLY A 91 -12.66 7.21 15.95
N LYS A 92 -12.41 6.57 14.83
CA LYS A 92 -13.16 5.40 14.39
C LYS A 92 -12.34 4.57 13.44
N PHE A 93 -12.99 3.60 12.81
CA PHE A 93 -12.31 2.72 11.89
C PHE A 93 -13.20 2.46 10.67
N LYS A 94 -13.27 3.46 9.78
CA LYS A 94 -14.04 3.34 8.54
C LYS A 94 -13.77 4.53 7.63
N ARG A 95 -12.61 4.54 7.03
CA ARG A 95 -12.26 5.57 6.06
C ARG A 95 -12.77 5.19 4.68
N PRO A 96 -13.28 6.18 3.98
CA PRO A 96 -13.93 5.99 2.69
C PRO A 96 -12.90 5.92 1.58
N THR A 97 -12.92 4.83 0.84
CA THR A 97 -12.02 4.66 -0.29
C THR A 97 -12.67 3.75 -1.31
N LEU A 98 -13.31 2.71 -0.79
CA LEU A 98 -13.87 1.65 -1.60
C LEU A 98 -14.25 0.48 -0.70
N ARG A 99 -15.46 0.47 -0.18
CA ARG A 99 -15.84 -0.55 0.79
C ARG A 99 -16.14 -1.88 0.10
N ARG A 100 -15.08 -2.52 -0.34
CA ARG A 100 -15.13 -3.83 -0.96
C ARG A 100 -14.30 -4.79 -0.14
N VAL A 101 -13.07 -4.36 0.05
CA VAL A 101 -12.05 -5.11 0.74
C VAL A 101 -11.19 -4.10 1.49
N ARG A 102 -10.34 -4.55 2.39
CA ARG A 102 -9.50 -3.60 3.12
C ARG A 102 -8.13 -4.20 3.45
N ILE A 103 -7.10 -3.59 2.89
CA ILE A 103 -5.74 -3.87 3.29
C ILE A 103 -5.32 -2.92 4.40
N SER A 104 -4.95 -3.48 5.54
CA SER A 104 -4.43 -2.67 6.63
C SER A 104 -2.96 -2.41 6.38
N ALA A 105 -2.52 -1.16 6.54
CA ALA A 105 -1.14 -0.79 6.23
C ALA A 105 -0.14 -1.79 6.80
N ASP A 106 -0.13 -1.91 8.12
CA ASP A 106 0.84 -2.74 8.82
C ASP A 106 0.53 -4.22 8.66
N ALA A 107 -0.74 -4.57 8.62
CA ALA A 107 -1.11 -5.98 8.51
C ALA A 107 -0.79 -6.51 7.12
N MET A 108 -1.06 -5.69 6.12
CA MET A 108 -0.63 -5.97 4.76
C MET A 108 0.88 -6.06 4.73
N MET A 109 1.52 -5.04 5.27
CA MET A 109 2.95 -5.01 5.44
C MET A 109 3.43 -6.33 6.05
N GLN A 110 2.88 -6.67 7.21
CA GLN A 110 3.34 -7.81 7.98
C GLN A 110 3.23 -9.10 7.21
N ALA A 111 2.23 -9.17 6.35
CA ALA A 111 2.04 -10.33 5.49
C ALA A 111 3.34 -10.65 4.75
N LEU A 112 3.87 -9.64 4.06
CA LEU A 112 5.14 -9.80 3.33
C LEU A 112 6.35 -9.51 4.20
N LEU A 113 6.17 -8.66 5.20
CA LEU A 113 7.25 -8.07 5.98
C LEU A 113 7.88 -9.06 6.93
N GLY A 114 7.72 -10.36 6.68
CA GLY A 114 8.40 -11.36 7.49
C GLY A 114 9.90 -11.26 7.38
N ALA A 115 10.43 -10.17 7.93
CA ALA A 115 11.80 -9.76 7.74
C ALA A 115 12.15 -8.75 8.82
N ARG A 116 11.34 -7.71 8.90
CA ARG A 116 11.52 -6.66 9.89
C ARG A 116 10.18 -6.29 10.52
N ALA A 117 9.18 -7.15 10.32
CA ALA A 117 7.84 -6.91 10.86
C ALA A 117 7.85 -6.97 12.37
N LYS A 118 8.30 -8.10 12.89
CA LYS A 118 8.35 -8.32 14.33
C LYS A 118 9.15 -9.59 14.64
N GLY A 119 9.15 -10.52 13.68
CA GLY A 119 9.86 -11.77 13.84
C GLY A 119 9.01 -12.82 14.52
N HIS A 120 9.40 -13.24 15.70
CA HIS A 120 8.67 -14.26 16.43
C HIS A 120 8.23 -13.70 17.79
CAA 9XG B . -7.97 -0.58 1.26
CAB 9XG B . -1.12 -0.66 -3.28
CAC 9XG B . -1.12 -1.30 -2.05
CAD 9XG B . -2.00 0.40 -3.52
CAE 9XG B . -6.91 1.97 -1.16
CAF 9XG B . -7.73 1.18 -0.37
CAG 9XG B . -1.99 -0.88 -1.05
CAH 9XG B . -2.86 0.83 -2.50
CAI 9XG B . -5.53 1.78 -1.15
CAJ 9XG B . -5.79 0.00 0.45
CAL 9XG B . -7.16 0.19 0.44
CAM 9XG B . -2.85 0.19 -1.28
CAN 9XG B . -4.97 0.80 -0.35
NAK 9XG B . -3.65 0.62 -0.31
HAB 9XG B . -7.52 -1.57 1.39
HAC 9XG B . -8.96 -0.69 0.83
HAA 9XG B . -8.05 -0.10 2.24
HAD 9XG B . -0.41 -0.97 -4.06
HAE 9XG B . -0.44 -2.14 -1.87
HAF 9XG B . -2.06 0.86 -4.49
HAG 9XG B . -7.35 2.75 -1.79
HAH 9XG B . -8.81 1.33 -0.37
HAI 9XG B . -2.00 -1.40 -0.08
HAJ 9XG B . -3.51 1.67 -2.69
HAK 9XG B . -4.89 2.39 -1.79
HAL 9XG B . -5.35 -0.79 1.07
HAM 9XG B . -3.21 0.86 0.55
N MET A 1 -5.01 10.89 -4.26
CA MET A 1 -3.98 10.84 -3.19
C MET A 1 -3.85 12.20 -2.54
N ASP A 2 -4.05 12.24 -1.23
CA ASP A 2 -3.84 13.46 -0.48
C ASP A 2 -2.36 13.77 -0.45
N ASP A 3 -1.97 14.91 -0.99
CA ASP A 3 -0.57 15.28 -1.00
C ASP A 3 -0.09 15.63 0.40
N ILE A 4 -1.03 15.71 1.32
CA ILE A 4 -0.72 15.78 2.74
C ILE A 4 0.19 14.60 3.11
N TYR A 5 -0.16 13.42 2.60
CA TYR A 5 0.62 12.21 2.83
C TYR A 5 1.79 12.15 1.89
N LYS A 6 1.65 12.79 0.75
CA LYS A 6 2.74 12.88 -0.21
C LYS A 6 3.85 13.73 0.39
N ALA A 7 3.47 14.61 1.31
CA ALA A 7 4.40 15.28 2.21
C ALA A 7 4.83 14.39 3.34
N ALA A 8 3.95 13.50 3.79
CA ALA A 8 4.26 12.66 4.94
C ALA A 8 5.42 11.73 4.63
N VAL A 9 5.54 11.36 3.36
CA VAL A 9 6.67 10.56 2.89
C VAL A 9 7.92 11.44 2.80
N GLU A 10 7.69 12.73 2.66
CA GLU A 10 8.76 13.71 2.73
C GLU A 10 9.08 13.96 4.21
N GLN A 11 8.05 13.71 5.01
CA GLN A 11 8.07 13.83 6.45
C GLN A 11 8.64 12.57 7.12
N LEU A 12 8.50 11.41 6.45
CA LEU A 12 9.00 10.16 6.99
C LEU A 12 10.52 10.16 7.01
N THR A 13 11.08 9.37 7.89
CA THR A 13 12.51 9.22 7.97
C THR A 13 12.98 8.25 6.90
N GLU A 14 14.29 8.07 6.82
CA GLU A 14 14.87 7.10 5.94
C GLU A 14 14.30 5.72 6.19
N GLU A 15 14.38 5.27 7.43
CA GLU A 15 13.90 3.94 7.79
C GLU A 15 12.40 3.84 7.66
N GLN A 16 11.71 4.96 7.86
CA GLN A 16 10.27 5.00 7.71
C GLN A 16 9.89 4.50 6.33
N LYS A 17 10.52 5.08 5.35
CA LYS A 17 10.20 4.80 3.97
C LYS A 17 10.78 3.44 3.57
N ASN A 18 11.85 3.05 4.25
CA ASN A 18 12.59 1.84 3.90
C ASN A 18 11.83 0.60 4.35
N GLU A 19 11.15 0.71 5.47
CA GLU A 19 10.27 -0.35 5.96
C GLU A 19 9.19 -0.62 4.94
N PHE A 20 8.55 0.45 4.55
CA PHE A 20 7.43 0.43 3.64
C PHE A 20 7.87 -0.02 2.23
N LYS A 21 9.10 0.34 1.85
CA LYS A 21 9.73 -0.16 0.63
C LYS A 21 9.63 -1.64 0.52
N ALA A 22 10.11 -2.29 1.55
CA ALA A 22 10.17 -3.72 1.54
C ALA A 22 8.80 -4.29 1.22
N ALA A 23 7.78 -3.79 1.89
CA ALA A 23 6.40 -4.22 1.65
C ALA A 23 6.02 -4.06 0.18
N PHE A 24 6.44 -2.96 -0.43
CA PHE A 24 6.29 -2.74 -1.89
C PHE A 24 6.94 -3.88 -2.66
N ASP A 25 8.21 -4.02 -2.38
CA ASP A 25 9.09 -4.98 -3.03
C ASP A 25 8.60 -6.43 -2.90
N ILE A 26 7.97 -6.74 -1.79
CA ILE A 26 7.50 -8.09 -1.53
C ILE A 26 6.09 -8.22 -2.08
N PHE A 27 5.46 -7.08 -2.23
CA PHE A 27 4.19 -6.97 -2.92
C PHE A 27 4.40 -7.33 -4.37
N VAL A 28 5.60 -7.05 -4.84
CA VAL A 28 5.94 -7.26 -6.23
C VAL A 28 6.81 -8.49 -6.42
N LEU A 29 6.63 -9.51 -5.56
CA LEU A 29 7.48 -10.71 -5.64
C LEU A 29 7.32 -11.40 -7.01
N GLY A 30 8.39 -11.38 -7.78
CA GLY A 30 8.38 -11.96 -9.11
C GLY A 30 7.82 -11.04 -10.18
N ALA A 31 7.61 -9.77 -9.84
CA ALA A 31 7.05 -8.81 -10.80
C ALA A 31 8.08 -8.42 -11.85
N GLU A 32 7.58 -8.23 -13.07
CA GLU A 32 8.41 -7.92 -14.22
C GLU A 32 8.85 -6.46 -14.21
N ASP A 33 8.00 -5.60 -13.67
CA ASP A 33 8.36 -4.19 -13.54
C ASP A 33 8.79 -3.88 -12.12
N GLY A 34 8.39 -4.75 -11.19
CA GLY A 34 8.69 -4.55 -9.79
C GLY A 34 7.86 -3.41 -9.20
N SER A 35 6.84 -3.02 -9.93
CA SER A 35 5.85 -2.06 -9.47
C SER A 35 4.53 -2.80 -9.39
N ILE A 36 3.75 -2.48 -8.39
CA ILE A 36 2.62 -3.31 -8.00
C ILE A 36 1.51 -3.22 -9.01
N SER A 37 1.35 -4.29 -9.73
CA SER A 37 0.20 -4.49 -10.56
C SER A 37 -0.93 -5.07 -9.71
N THR A 38 -2.15 -5.02 -10.21
CA THR A 38 -3.30 -5.34 -9.38
C THR A 38 -3.27 -6.73 -8.76
N LYS A 39 -2.81 -7.72 -9.48
CA LYS A 39 -2.76 -9.05 -8.94
C LYS A 39 -1.56 -9.21 -8.00
N GLU A 40 -0.50 -8.43 -8.25
CA GLU A 40 0.56 -8.28 -7.25
C GLU A 40 -0.02 -7.71 -5.96
N LEU A 41 -0.87 -6.68 -6.09
CA LEU A 41 -1.63 -6.12 -4.97
C LEU A 41 -2.57 -7.17 -4.37
N GLY A 42 -3.24 -7.93 -5.24
CA GLY A 42 -4.22 -8.91 -4.81
C GLY A 42 -3.59 -10.04 -4.01
N LYS A 43 -2.37 -10.38 -4.40
CA LYS A 43 -1.59 -11.42 -3.74
C LYS A 43 -1.59 -11.22 -2.25
N VAL A 44 -1.23 -10.01 -1.85
CA VAL A 44 -0.99 -9.69 -0.46
C VAL A 44 -2.31 -9.53 0.29
N MET A 45 -3.30 -8.97 -0.39
CA MET A 45 -4.63 -8.92 0.15
C MET A 45 -5.12 -10.34 0.47
N ARG A 46 -4.80 -11.28 -0.41
CA ARG A 46 -5.12 -12.68 -0.18
C ARG A 46 -4.22 -13.30 0.88
N MET A 47 -2.99 -12.77 0.98
CA MET A 47 -2.07 -13.11 2.03
C MET A 47 -2.63 -12.64 3.38
N LEU A 48 -3.59 -11.71 3.32
CA LEU A 48 -4.22 -11.18 4.52
C LEU A 48 -5.59 -11.78 4.77
N GLY A 49 -6.03 -12.67 3.89
CA GLY A 49 -7.33 -13.28 4.05
C GLY A 49 -8.41 -12.55 3.25
N GLN A 50 -8.00 -11.54 2.49
CA GLN A 50 -8.92 -10.85 1.63
C GLN A 50 -9.10 -11.65 0.36
N ASN A 51 -10.04 -11.24 -0.45
CA ASN A 51 -10.20 -11.84 -1.75
C ASN A 51 -10.70 -10.82 -2.76
N PRO A 52 -9.84 -9.84 -3.07
CA PRO A 52 -10.13 -8.75 -4.02
C PRO A 52 -10.54 -9.23 -5.39
N THR A 53 -11.07 -8.29 -6.15
CA THR A 53 -11.10 -8.43 -7.56
C THR A 53 -10.27 -7.30 -8.15
N PRO A 54 -9.61 -7.57 -9.29
CA PRO A 54 -8.78 -6.60 -10.00
C PRO A 54 -9.47 -5.26 -10.22
N GLU A 55 -10.80 -5.27 -10.19
CA GLU A 55 -11.61 -4.06 -10.24
C GLU A 55 -11.26 -3.13 -9.11
N GLU A 56 -11.47 -3.66 -7.93
CA GLU A 56 -11.14 -3.02 -6.69
C GLU A 56 -9.67 -2.69 -6.63
N LEU A 57 -8.86 -3.74 -6.77
CA LEU A 57 -7.40 -3.64 -6.75
C LEU A 57 -6.92 -2.51 -7.65
N GLN A 58 -7.48 -2.40 -8.85
CA GLN A 58 -7.03 -1.40 -9.80
C GLN A 58 -7.40 -0.02 -9.31
N GLU A 59 -8.58 0.09 -8.74
CA GLU A 59 -9.04 1.33 -8.16
C GLU A 59 -8.29 1.66 -6.87
N MET A 60 -7.73 0.65 -6.20
CA MET A 60 -6.81 0.91 -5.10
C MET A 60 -5.59 1.62 -5.66
N ILE A 61 -5.09 1.06 -6.75
CA ILE A 61 -3.98 1.62 -7.50
C ILE A 61 -4.33 3.02 -8.00
N ASP A 62 -5.58 3.19 -8.42
CA ASP A 62 -6.10 4.47 -8.92
C ASP A 62 -5.92 5.61 -7.91
N GLU A 63 -5.90 5.27 -6.62
CA GLU A 63 -5.67 6.26 -5.56
C GLU A 63 -4.42 7.09 -5.86
N VAL A 64 -3.36 6.37 -6.10
CA VAL A 64 -2.03 6.90 -6.19
C VAL A 64 -1.67 7.17 -7.64
N ASP A 65 -2.40 6.49 -8.51
CA ASP A 65 -2.06 6.43 -9.91
C ASP A 65 -2.47 7.70 -10.64
N GLU A 66 -1.73 8.77 -10.42
CA GLU A 66 -2.02 10.03 -11.03
C GLU A 66 -1.49 10.08 -12.45
N ASP A 67 -0.42 9.32 -12.70
CA ASP A 67 0.20 9.28 -14.02
C ASP A 67 -0.49 8.27 -14.94
N GLY A 68 -1.45 7.53 -14.39
CA GLY A 68 -2.24 6.59 -15.18
C GLY A 68 -1.44 5.39 -15.65
N SER A 69 -0.57 4.91 -14.80
CA SER A 69 0.28 3.78 -15.11
C SER A 69 -0.44 2.45 -14.87
N GLY A 70 -1.47 2.47 -14.03
CA GLY A 70 -2.23 1.27 -13.72
C GLY A 70 -1.51 0.41 -12.71
N THR A 71 -0.29 0.83 -12.37
CA THR A 71 0.52 0.14 -11.39
C THR A 71 1.01 1.12 -10.31
N VAL A 72 1.14 0.64 -9.09
CA VAL A 72 1.77 1.44 -8.05
C VAL A 72 3.28 1.21 -8.03
N ASP A 73 4.04 2.27 -8.01
CA ASP A 73 5.47 2.14 -7.78
C ASP A 73 5.77 2.62 -6.38
N PHE A 74 7.03 2.53 -5.97
CA PHE A 74 7.36 2.61 -4.55
C PHE A 74 6.74 3.80 -3.82
N ASP A 75 6.91 5.02 -4.32
CA ASP A 75 6.39 6.18 -3.60
C ASP A 75 4.89 6.20 -3.63
N GLU A 76 4.32 5.67 -4.71
CA GLU A 76 2.90 5.54 -4.79
C GLU A 76 2.41 4.58 -3.70
N PHE A 77 3.07 3.42 -3.61
CA PHE A 77 2.88 2.47 -2.50
C PHE A 77 3.04 3.19 -1.18
N LEU A 78 4.22 3.76 -1.01
CA LEU A 78 4.68 4.34 0.23
C LEU A 78 3.78 5.46 0.78
N VAL A 79 3.41 6.43 -0.05
CA VAL A 79 2.59 7.52 0.44
C VAL A 79 1.24 6.98 0.88
N MET A 80 0.71 5.98 0.17
CA MET A 80 -0.54 5.39 0.56
C MET A 80 -0.33 4.59 1.81
N MET A 81 0.90 4.14 2.01
CA MET A 81 1.29 3.46 3.24
C MET A 81 1.15 4.38 4.44
N VAL A 82 1.82 5.53 4.42
CA VAL A 82 1.65 6.47 5.53
C VAL A 82 0.20 6.92 5.58
N ARG A 83 -0.44 6.95 4.43
CA ARG A 83 -1.84 7.32 4.33
C ARG A 83 -2.74 6.27 5.02
N SER A 84 -2.52 4.99 4.72
CA SER A 84 -3.31 3.88 5.27
C SER A 84 -3.20 3.80 6.80
N MET A 85 -2.01 4.06 7.31
CA MET A 85 -1.74 3.96 8.74
C MET A 85 -2.16 5.22 9.48
N LYS A 86 -2.20 6.36 8.79
CA LYS A 86 -2.53 7.63 9.42
C LYS A 86 -4.03 7.80 9.59
N ASP A 87 -4.77 7.66 8.48
CA ASP A 87 -6.23 7.86 8.38
C ASP A 87 -6.85 8.49 9.64
N ASP A 88 -7.06 9.79 9.58
CA ASP A 88 -7.64 10.54 10.69
C ASP A 88 -9.02 10.03 11.03
N SER A 89 -9.65 9.39 10.05
CA SER A 89 -11.04 8.96 10.15
C SER A 89 -11.93 10.18 10.27
N LYS A 90 -11.77 11.10 9.32
CA LYS A 90 -12.48 12.37 9.33
C LYS A 90 -13.99 12.16 9.27
N GLY A 91 -14.65 12.39 10.39
CA GLY A 91 -16.09 12.20 10.48
C GLY A 91 -16.45 10.72 10.51
N LYS A 92 -15.41 9.89 10.61
CA LYS A 92 -15.56 8.43 10.59
C LYS A 92 -16.27 7.99 9.33
N PHE A 93 -16.12 8.76 8.27
CA PHE A 93 -16.83 8.49 7.05
C PHE A 93 -16.18 9.18 5.85
N LYS A 94 -15.53 8.40 5.02
CA LYS A 94 -15.06 8.87 3.74
C LYS A 94 -16.00 8.33 2.66
N ARG A 95 -16.24 9.14 1.64
CA ARG A 95 -17.22 8.78 0.62
C ARG A 95 -16.88 7.47 -0.06
N PRO A 96 -17.90 6.65 -0.27
CA PRO A 96 -17.78 5.32 -0.83
C PRO A 96 -17.56 5.39 -2.33
N THR A 97 -16.53 4.71 -2.78
CA THR A 97 -16.21 4.70 -4.18
C THR A 97 -15.91 3.30 -4.65
N LEU A 98 -15.19 2.59 -3.81
CA LEU A 98 -14.57 1.35 -4.21
C LEU A 98 -13.69 0.82 -3.11
N ARG A 99 -12.93 -0.22 -3.43
CA ARG A 99 -12.02 -0.88 -2.50
C ARG A 99 -12.73 -1.17 -1.18
N ARG A 100 -13.58 -2.18 -1.23
CA ARG A 100 -14.32 -2.61 -0.06
C ARG A 100 -13.39 -3.43 0.79
N VAL A 101 -12.43 -3.98 0.08
CA VAL A 101 -11.35 -4.75 0.66
C VAL A 101 -10.24 -3.81 1.14
N ARG A 102 -10.27 -3.50 2.41
CA ARG A 102 -9.34 -2.54 2.98
C ARG A 102 -8.10 -3.23 3.55
N ILE A 103 -6.96 -3.04 2.90
CA ILE A 103 -5.70 -3.54 3.44
C ILE A 103 -5.27 -2.68 4.63
N SER A 104 -4.97 -3.34 5.75
CA SER A 104 -4.42 -2.62 6.89
C SER A 104 -2.95 -2.38 6.68
N ALA A 105 -2.49 -1.15 6.87
CA ALA A 105 -1.13 -0.76 6.54
C ALA A 105 -0.10 -1.73 7.14
N ASP A 106 -0.08 -1.80 8.46
CA ASP A 106 0.87 -2.63 9.19
C ASP A 106 0.59 -4.10 9.02
N ALA A 107 -0.68 -4.49 9.06
CA ALA A 107 -1.04 -5.89 8.92
C ALA A 107 -0.67 -6.40 7.55
N MET A 108 -0.89 -5.57 6.55
CA MET A 108 -0.45 -5.86 5.19
C MET A 108 1.06 -5.90 5.16
N MET A 109 1.64 -4.83 5.68
CA MET A 109 3.08 -4.70 5.79
C MET A 109 3.68 -5.96 6.38
N GLN A 110 3.10 -6.45 7.47
CA GLN A 110 3.65 -7.57 8.20
C GLN A 110 3.58 -8.83 7.36
N ALA A 111 2.60 -8.88 6.46
CA ALA A 111 2.47 -10.00 5.56
C ALA A 111 3.70 -10.11 4.68
N LEU A 112 4.17 -8.96 4.19
CA LEU A 112 5.40 -8.95 3.43
C LEU A 112 6.61 -8.90 4.33
N LEU A 113 6.51 -8.10 5.38
CA LEU A 113 7.65 -7.71 6.20
C LEU A 113 8.30 -8.85 6.94
N GLY A 114 7.98 -10.10 6.61
CA GLY A 114 8.64 -11.24 7.25
C GLY A 114 10.15 -11.11 7.27
N ALA A 115 10.65 -10.24 6.41
CA ALA A 115 12.05 -9.87 6.36
C ALA A 115 12.53 -9.17 7.65
N ARG A 116 11.74 -8.21 8.16
CA ARG A 116 12.17 -7.38 9.29
C ARG A 116 11.05 -7.16 10.33
N ALA A 117 9.84 -7.67 10.08
CA ALA A 117 8.69 -7.47 10.96
C ALA A 117 8.89 -8.15 12.29
N LYS A 118 9.75 -9.15 12.28
CA LYS A 118 9.94 -9.97 13.43
C LYS A 118 11.16 -9.54 14.24
N GLY A 119 10.88 -8.92 15.37
CA GLY A 119 11.94 -8.54 16.28
C GLY A 119 11.47 -8.58 17.72
N HIS A 120 11.28 -7.40 18.31
CA HIS A 120 10.80 -7.31 19.67
C HIS A 120 9.27 -7.33 19.70
CAA 9XG B . -5.93 -0.32 0.91
CAB 9XG B . -0.82 -1.13 -3.38
CAC 9XG B . -1.61 -0.69 -4.43
CAD 9XG B . -1.02 -0.63 -2.10
CAE 9XG B . -6.59 2.83 -0.86
CAF 9XG B . -6.71 1.78 0.04
CAG 9XG B . -2.57 0.30 -4.21
CAH 9XG B . -2.00 0.33 -1.87
CAI 9XG B . -5.56 2.82 -1.80
CAJ 9XG B . -4.80 0.71 -0.94
CAL 9XG B . -5.82 0.72 0.01
CAM 9XG B . -2.77 0.81 -2.94
CAN 9XG B . -4.67 1.77 -1.84
NAK 9XG B . -3.66 1.76 -2.71
HAB 9XG B . -4.93 -0.75 1.08
HAC 9XG B . -6.59 -1.09 0.52
HAA 9XG B . -6.32 0.06 1.86
HAD 9XG B . -0.01 -1.83 -3.57
HAE 9XG B . -1.56 -1.20 -5.40
HAF 9XG B . -0.41 -0.98 -1.27
HAG 9XG B . -7.29 3.67 -0.83
HAH 9XG B . -7.52 1.79 0.77
HAI 9XG B . -3.14 0.70 -5.05
HAJ 9XG B . -2.21 0.68 -0.86
HAK 9XG B . -5.48 3.65 -2.50
HAL 9XG B . -4.11 -0.13 -0.98
HAM 9XG B . -3.55 2.59 -3.26
N MET A 1 -0.17 10.60 -6.40
CA MET A 1 0.41 10.78 -5.05
C MET A 1 -0.26 11.95 -4.33
N ASP A 2 -0.88 11.67 -3.18
CA ASP A 2 -1.52 12.73 -2.40
C ASP A 2 -0.46 13.58 -1.71
N ASP A 3 -0.38 14.86 -2.08
CA ASP A 3 0.71 15.72 -1.65
C ASP A 3 0.75 15.92 -0.14
N ILE A 4 -0.39 15.78 0.52
CA ILE A 4 -0.43 15.89 1.97
C ILE A 4 0.46 14.81 2.60
N TYR A 5 0.26 13.59 2.14
CA TYR A 5 1.01 12.45 2.62
C TYR A 5 2.35 12.41 1.94
N LYS A 6 2.37 13.03 0.79
CA LYS A 6 3.58 13.32 0.05
C LYS A 6 4.49 14.20 0.89
N ALA A 7 3.88 14.97 1.78
CA ALA A 7 4.62 15.71 2.78
C ALA A 7 5.03 14.80 3.93
N ALA A 8 4.16 13.86 4.29
CA ALA A 8 4.40 12.97 5.41
C ALA A 8 5.47 11.92 5.11
N VAL A 9 5.63 11.56 3.84
CA VAL A 9 6.71 10.68 3.44
C VAL A 9 8.05 11.37 3.61
N GLU A 10 8.06 12.67 3.42
CA GLU A 10 9.25 13.45 3.69
C GLU A 10 9.37 13.69 5.18
N GLN A 11 8.25 13.54 5.88
CA GLN A 11 8.21 13.54 7.33
C GLN A 11 8.78 12.24 7.87
N LEU A 12 8.50 11.15 7.15
CA LEU A 12 9.05 9.85 7.48
C LEU A 12 10.56 9.87 7.33
N THR A 13 11.22 9.15 8.20
CA THR A 13 12.66 9.01 8.15
C THR A 13 13.06 7.99 7.08
N GLU A 14 14.36 7.74 6.95
CA GLU A 14 14.85 6.69 6.07
C GLU A 14 14.23 5.35 6.46
N GLU A 15 14.42 4.97 7.71
CA GLU A 15 13.88 3.73 8.26
C GLU A 15 12.39 3.62 7.93
N GLN A 16 11.69 4.71 8.15
CA GLN A 16 10.27 4.78 7.90
C GLN A 16 9.91 4.30 6.51
N LYS A 17 10.52 4.91 5.52
CA LYS A 17 10.20 4.62 4.14
C LYS A 17 10.86 3.34 3.66
N ASN A 18 11.96 2.97 4.30
CA ASN A 18 12.70 1.78 3.92
C ASN A 18 11.85 0.52 4.09
N GLU A 19 11.20 0.39 5.23
CA GLU A 19 10.36 -0.76 5.49
C GLU A 19 9.14 -0.77 4.59
N PHE A 20 8.66 0.42 4.25
CA PHE A 20 7.55 0.54 3.33
C PHE A 20 8.01 0.11 1.94
N LYS A 21 9.19 0.58 1.56
CA LYS A 21 9.84 0.16 0.31
C LYS A 21 9.91 -1.33 0.23
N ALA A 22 10.32 -1.90 1.34
CA ALA A 22 10.48 -3.32 1.42
C ALA A 22 9.18 -4.01 1.04
N ALA A 23 8.09 -3.60 1.68
CA ALA A 23 6.78 -4.21 1.46
C ALA A 23 6.30 -4.01 0.04
N PHE A 24 6.58 -2.85 -0.54
CA PHE A 24 6.35 -2.62 -1.96
C PHE A 24 6.98 -3.75 -2.76
N ASP A 25 8.25 -3.91 -2.50
CA ASP A 25 9.08 -4.94 -3.12
C ASP A 25 8.50 -6.36 -2.91
N ILE A 26 7.93 -6.59 -1.74
CA ILE A 26 7.38 -7.90 -1.40
C ILE A 26 6.02 -8.08 -2.05
N PHE A 27 5.32 -6.99 -2.16
CA PHE A 27 4.07 -6.93 -2.89
C PHE A 27 4.27 -7.43 -4.30
N VAL A 28 5.45 -7.15 -4.82
CA VAL A 28 5.75 -7.39 -6.21
C VAL A 28 6.69 -8.57 -6.38
N LEU A 29 6.63 -9.55 -5.49
CA LEU A 29 7.51 -10.71 -5.61
C LEU A 29 7.21 -11.45 -6.90
N GLY A 30 8.18 -11.47 -7.79
CA GLY A 30 7.98 -12.10 -9.09
C GLY A 30 7.14 -11.26 -10.03
N ALA A 31 7.03 -9.96 -9.76
CA ALA A 31 6.29 -9.07 -10.63
C ALA A 31 7.05 -8.79 -11.92
N GLU A 32 6.31 -8.51 -12.98
CA GLU A 32 6.91 -8.26 -14.28
C GLU A 32 7.61 -6.90 -14.31
N ASP A 33 6.94 -5.89 -13.79
CA ASP A 33 7.49 -4.54 -13.78
C ASP A 33 8.03 -4.18 -12.41
N GLY A 34 7.71 -5.01 -11.43
CA GLY A 34 8.11 -4.72 -10.07
C GLY A 34 7.25 -3.65 -9.46
N SER A 35 6.18 -3.32 -10.17
CA SER A 35 5.21 -2.35 -9.71
C SER A 35 3.97 -3.11 -9.26
N ILE A 36 3.26 -2.55 -8.30
CA ILE A 36 2.09 -3.22 -7.79
C ILE A 36 0.96 -3.04 -8.77
N SER A 37 0.68 -4.10 -9.47
CA SER A 37 -0.49 -4.14 -10.29
C SER A 37 -1.57 -4.84 -9.49
N THR A 38 -2.74 -4.97 -10.03
CA THR A 38 -3.84 -5.48 -9.25
C THR A 38 -3.58 -6.91 -8.76
N LYS A 39 -2.79 -7.68 -9.50
CA LYS A 39 -2.50 -9.05 -9.09
C LYS A 39 -1.41 -9.09 -8.03
N GLU A 40 -0.37 -8.29 -8.23
CA GLU A 40 0.64 -8.08 -7.20
C GLU A 40 -0.03 -7.69 -5.89
N LEU A 41 -0.88 -6.66 -5.96
CA LEU A 41 -1.71 -6.25 -4.83
C LEU A 41 -2.57 -7.43 -4.36
N GLY A 42 -3.23 -8.09 -5.32
CA GLY A 42 -4.11 -9.20 -5.02
C GLY A 42 -3.45 -10.28 -4.20
N LYS A 43 -2.19 -10.57 -4.51
CA LYS A 43 -1.37 -11.51 -3.75
C LYS A 43 -1.43 -11.20 -2.26
N VAL A 44 -1.14 -9.95 -1.96
CA VAL A 44 -1.06 -9.47 -0.60
C VAL A 44 -2.40 -9.54 0.10
N MET A 45 -3.44 -9.36 -0.68
CA MET A 45 -4.80 -9.43 -0.18
C MET A 45 -5.18 -10.87 0.18
N ARG A 46 -4.71 -11.82 -0.62
CA ARG A 46 -4.88 -13.21 -0.32
C ARG A 46 -4.07 -13.58 0.91
N MET A 47 -2.95 -12.87 1.06
CA MET A 47 -2.09 -12.95 2.20
C MET A 47 -2.81 -12.42 3.45
N LEU A 48 -3.89 -11.66 3.22
CA LEU A 48 -4.71 -11.13 4.31
C LEU A 48 -6.01 -11.90 4.46
N GLY A 49 -6.22 -12.89 3.60
CA GLY A 49 -7.43 -13.69 3.68
C GLY A 49 -8.48 -13.25 2.68
N GLN A 50 -8.19 -12.18 1.95
CA GLN A 50 -9.10 -11.66 0.94
C GLN A 50 -9.01 -12.50 -0.32
N ASN A 51 -9.87 -12.22 -1.26
CA ASN A 51 -9.73 -12.74 -2.60
C ASN A 51 -10.27 -11.74 -3.61
N PRO A 52 -9.59 -10.60 -3.74
CA PRO A 52 -10.04 -9.49 -4.59
C PRO A 52 -10.21 -9.85 -6.04
N THR A 53 -11.10 -9.14 -6.67
CA THR A 53 -11.11 -9.11 -8.10
C THR A 53 -10.41 -7.85 -8.55
N PRO A 54 -9.69 -7.93 -9.68
CA PRO A 54 -8.84 -6.85 -10.19
C PRO A 54 -9.54 -5.50 -10.29
N GLU A 55 -10.87 -5.53 -10.40
CA GLU A 55 -11.66 -4.29 -10.39
C GLU A 55 -11.48 -3.57 -9.06
N GLU A 56 -11.55 -4.33 -7.98
CA GLU A 56 -11.40 -3.83 -6.63
C GLU A 56 -9.99 -3.33 -6.42
N LEU A 57 -9.05 -4.21 -6.65
CA LEU A 57 -7.63 -3.91 -6.59
C LEU A 57 -7.28 -2.67 -7.41
N GLN A 58 -7.88 -2.54 -8.58
CA GLN A 58 -7.53 -1.47 -9.51
C GLN A 58 -7.80 -0.11 -8.93
N GLU A 59 -8.95 0.06 -8.32
CA GLU A 59 -9.35 1.38 -7.82
C GLU A 59 -8.50 1.85 -6.64
N MET A 60 -8.00 0.94 -5.82
CA MET A 60 -7.15 1.36 -4.72
C MET A 60 -5.73 1.64 -5.21
N ILE A 61 -5.32 0.94 -6.26
CA ILE A 61 -4.08 1.24 -6.95
C ILE A 61 -4.22 2.55 -7.71
N ASP A 62 -5.36 2.69 -8.37
CA ASP A 62 -5.68 3.87 -9.16
C ASP A 62 -5.70 5.13 -8.31
N GLU A 63 -6.20 4.99 -7.08
CA GLU A 63 -6.33 6.11 -6.16
C GLU A 63 -5.00 6.82 -5.96
N VAL A 64 -3.92 6.05 -5.93
CA VAL A 64 -2.60 6.64 -5.79
C VAL A 64 -1.89 6.78 -7.13
N ASP A 65 -2.19 5.85 -8.06
CA ASP A 65 -1.55 5.81 -9.39
C ASP A 65 -1.59 7.16 -10.09
N GLU A 66 -0.49 7.87 -9.98
CA GLU A 66 -0.29 9.10 -10.70
C GLU A 66 0.45 8.80 -12.01
N ASP A 67 1.07 7.64 -12.03
CA ASP A 67 1.93 7.22 -13.13
C ASP A 67 1.13 6.79 -14.35
N GLY A 68 -0.19 6.66 -14.17
CA GLY A 68 -1.07 6.34 -15.27
C GLY A 68 -0.85 4.95 -15.84
N SER A 69 -0.30 4.05 -15.05
CA SER A 69 -0.02 2.72 -15.50
C SER A 69 -0.98 1.71 -14.91
N GLY A 70 -1.66 2.11 -13.83
CA GLY A 70 -2.48 1.18 -13.10
C GLY A 70 -1.61 0.31 -12.24
N THR A 71 -0.35 0.70 -12.15
CA THR A 71 0.60 0.03 -11.29
C THR A 71 1.19 1.03 -10.30
N VAL A 72 1.38 0.58 -9.09
CA VAL A 72 1.95 1.41 -8.08
C VAL A 72 3.44 1.15 -7.98
N ASP A 73 4.21 2.22 -7.91
CA ASP A 73 5.61 2.11 -7.63
C ASP A 73 5.87 2.67 -6.23
N PHE A 74 7.13 2.82 -5.86
CA PHE A 74 7.47 3.04 -4.47
C PHE A 74 6.79 4.26 -3.86
N ASP A 75 6.91 5.43 -4.46
CA ASP A 75 6.40 6.62 -3.82
C ASP A 75 4.86 6.63 -3.81
N GLU A 76 4.27 5.97 -4.80
CA GLU A 76 2.82 5.80 -4.84
C GLU A 76 2.35 4.96 -3.65
N PHE A 77 2.94 3.78 -3.55
CA PHE A 77 2.73 2.89 -2.41
C PHE A 77 3.03 3.61 -1.10
N LEU A 78 4.08 4.43 -1.14
CA LEU A 78 4.58 5.10 0.04
C LEU A 78 3.65 6.20 0.54
N VAL A 79 3.14 7.02 -0.36
CA VAL A 79 2.16 8.02 0.02
C VAL A 79 0.96 7.35 0.67
N MET A 80 0.56 6.22 0.11
CA MET A 80 -0.61 5.52 0.57
C MET A 80 -0.27 4.77 1.85
N MET A 81 0.99 4.45 2.01
CA MET A 81 1.49 3.84 3.23
C MET A 81 1.24 4.75 4.42
N VAL A 82 1.76 5.98 4.35
CA VAL A 82 1.53 6.93 5.43
C VAL A 82 0.06 7.38 5.44
N ARG A 83 -0.60 7.27 4.29
CA ARG A 83 -2.03 7.56 4.18
C ARG A 83 -2.87 6.51 4.92
N SER A 84 -2.58 5.25 4.64
CA SER A 84 -3.33 4.14 5.21
C SER A 84 -3.14 4.05 6.71
N MET A 85 -1.90 4.24 7.17
CA MET A 85 -1.61 4.16 8.59
C MET A 85 -2.36 5.25 9.36
N LYS A 86 -2.72 6.31 8.66
CA LYS A 86 -3.47 7.41 9.24
C LYS A 86 -4.96 7.08 9.33
N ASP A 87 -5.50 6.49 8.27
CA ASP A 87 -6.93 6.17 8.25
C ASP A 87 -7.21 4.92 9.06
N ASP A 88 -7.45 5.13 10.34
CA ASP A 88 -7.90 4.07 11.22
C ASP A 88 -9.41 3.87 11.06
N SER A 89 -10.04 4.92 10.51
CA SER A 89 -11.49 5.03 10.46
C SER A 89 -12.05 5.12 11.88
N LYS A 90 -13.38 5.06 12.02
CA LYS A 90 -14.06 5.12 13.31
C LYS A 90 -13.88 6.51 13.95
N GLY A 91 -12.71 6.76 14.51
CA GLY A 91 -12.42 8.06 15.08
C GLY A 91 -11.99 9.05 14.02
N LYS A 92 -11.58 8.52 12.88
CA LYS A 92 -11.21 9.34 11.74
C LYS A 92 -12.44 9.65 10.89
N PHE A 93 -12.35 9.28 9.61
CA PHE A 93 -13.38 9.57 8.62
C PHE A 93 -14.68 8.82 8.91
N LYS A 94 -15.35 9.18 10.02
CA LYS A 94 -16.65 8.61 10.36
C LYS A 94 -16.62 7.08 10.23
N ARG A 95 -17.70 6.51 9.70
CA ARG A 95 -17.69 5.12 9.26
C ARG A 95 -16.67 4.95 8.16
N PRO A 96 -16.08 3.77 8.08
CA PRO A 96 -14.97 3.51 7.16
C PRO A 96 -15.32 3.91 5.74
N THR A 97 -14.49 4.77 5.17
CA THR A 97 -14.78 5.39 3.89
C THR A 97 -14.26 4.54 2.75
N LEU A 98 -13.09 3.98 2.96
CA LEU A 98 -12.41 3.22 1.94
C LEU A 98 -12.55 1.73 2.19
N ARG A 99 -13.60 1.15 1.65
CA ARG A 99 -13.91 -0.26 1.89
C ARG A 99 -14.50 -0.92 0.65
N ARG A 100 -13.63 -1.26 -0.27
CA ARG A 100 -13.97 -2.18 -1.33
C ARG A 100 -13.27 -3.48 -1.04
N VAL A 101 -11.97 -3.34 -0.86
CA VAL A 101 -11.11 -4.41 -0.41
C VAL A 101 -10.12 -3.80 0.56
N ARG A 102 -10.47 -3.85 1.84
CA ARG A 102 -9.81 -3.04 2.83
C ARG A 102 -8.46 -3.60 3.27
N ILE A 103 -7.63 -2.70 3.73
CA ILE A 103 -6.31 -3.02 4.23
C ILE A 103 -5.89 -2.03 5.31
N SER A 104 -5.44 -2.55 6.43
CA SER A 104 -4.76 -1.71 7.40
C SER A 104 -3.28 -1.73 7.07
N ALA A 105 -2.64 -0.56 7.07
CA ALA A 105 -1.25 -0.44 6.67
C ALA A 105 -0.40 -1.54 7.28
N ASP A 106 -0.42 -1.60 8.61
CA ASP A 106 0.32 -2.63 9.35
C ASP A 106 -0.09 -4.03 8.94
N ALA A 107 -1.39 -4.27 8.94
CA ALA A 107 -1.93 -5.59 8.65
C ALA A 107 -1.35 -6.17 7.38
N MET A 108 -1.39 -5.36 6.34
CA MET A 108 -0.87 -5.70 5.02
C MET A 108 0.65 -5.67 5.00
N MET A 109 1.23 -4.62 5.57
CA MET A 109 2.67 -4.46 5.60
C MET A 109 3.33 -5.61 6.34
N GLN A 110 2.88 -5.87 7.56
CA GLN A 110 3.45 -6.90 8.41
C GLN A 110 3.28 -8.28 7.78
N ALA A 111 2.24 -8.41 6.96
CA ALA A 111 2.00 -9.63 6.22
C ALA A 111 3.25 -10.06 5.46
N LEU A 112 3.72 -9.17 4.62
CA LEU A 112 4.88 -9.42 3.76
C LEU A 112 6.19 -9.07 4.45
N LEU A 113 6.16 -7.96 5.17
CA LEU A 113 7.35 -7.38 5.76
C LEU A 113 8.01 -8.30 6.79
N GLY A 114 7.25 -9.26 7.29
CA GLY A 114 7.77 -10.19 8.26
C GLY A 114 8.08 -9.53 9.58
N ALA A 115 7.55 -8.33 9.76
CA ALA A 115 7.78 -7.53 10.96
C ALA A 115 9.26 -7.20 11.16
N ARG A 116 9.97 -6.98 10.05
CA ARG A 116 11.37 -6.56 10.12
C ARG A 116 11.49 -5.09 10.52
N ALA A 117 10.34 -4.43 10.69
CA ALA A 117 10.29 -3.01 11.01
C ALA A 117 10.94 -2.72 12.36
N LYS A 118 10.87 -3.67 13.27
CA LYS A 118 11.45 -3.50 14.60
C LYS A 118 12.38 -4.67 14.92
N GLY A 119 12.75 -5.42 13.89
CA GLY A 119 13.61 -6.57 14.07
C GLY A 119 14.86 -6.47 13.25
N HIS A 120 15.99 -6.30 13.91
CA HIS A 120 17.27 -6.16 13.23
C HIS A 120 17.70 -7.50 12.62
CAA 9XG B . -8.59 -0.14 1.15
CAB 9XG B . -0.93 -0.04 -3.00
CAC 9XG B . -2.20 0.39 -3.40
CAD 9XG B . -0.75 -0.57 -1.72
CAE 9XG B . -6.64 2.15 -0.96
CAF 9XG B . -7.70 1.62 -0.23
CAG 9XG B . -3.27 0.29 -2.51
CAH 9XG B . -1.83 -0.67 -0.86
CAI 9XG B . -5.42 1.49 -1.01
CAJ 9XG B . -6.32 -0.26 0.37
CAL 9XG B . -7.54 0.40 0.42
CAM 9XG B . -3.09 -0.25 -1.25
CAN 9XG B . -5.26 0.27 -0.35
NAK 9XG B . -4.12 -0.39 -0.40
HAB 9XG B . -9.16 -0.82 0.51
HAC 9XG B . -9.24 0.67 1.50
HAA 9XG B . -8.21 -0.69 2.01
HAD 9XG B . -0.09 0.03 -3.69
HAE 9XG B . -2.35 0.79 -4.39
HAF 9XG B . 0.24 -0.91 -1.42
HAG 9XG B . -6.77 3.10 -1.48
HAH 9XG B . -8.66 2.14 -0.21
HAI 9XG B . -4.25 0.64 -2.83
HAJ 9XG B . -1.68 -1.09 0.14
HAK 9XG B . -4.59 1.92 -1.56
HAL 9XG B . -6.20 -1.22 0.88
HAM 9XG B . -4.00 -1.11 0.28
N MET A 1 -3.41 11.93 -6.53
CA MET A 1 -2.37 11.75 -5.50
C MET A 1 -2.52 12.81 -4.42
N ASP A 2 -2.74 12.36 -3.19
CA ASP A 2 -2.83 13.27 -2.05
C ASP A 2 -1.46 13.86 -1.76
N ASP A 3 -1.28 15.12 -2.08
CA ASP A 3 0.02 15.75 -1.92
C ASP A 3 0.31 16.02 -0.44
N ILE A 4 -0.71 15.87 0.39
CA ILE A 4 -0.51 15.94 1.82
C ILE A 4 0.30 14.73 2.30
N TYR A 5 -0.06 13.54 1.83
CA TYR A 5 0.68 12.34 2.15
C TYR A 5 1.86 12.19 1.24
N LYS A 6 1.76 12.78 0.06
CA LYS A 6 2.89 12.93 -0.82
C LYS A 6 4.01 13.64 -0.08
N ALA A 7 3.63 14.52 0.85
CA ALA A 7 4.57 15.11 1.80
C ALA A 7 4.86 14.16 2.94
N ALA A 8 3.84 13.49 3.45
CA ALA A 8 4.00 12.63 4.62
C ALA A 8 5.10 11.59 4.41
N VAL A 9 5.26 11.12 3.17
CA VAL A 9 6.39 10.25 2.84
C VAL A 9 7.72 11.04 2.91
N GLU A 10 7.67 12.29 2.48
CA GLU A 10 8.82 13.18 2.57
C GLU A 10 9.05 13.53 4.03
N GLN A 11 7.96 13.40 4.75
CA GLN A 11 7.85 13.67 6.16
C GLN A 11 8.24 12.44 6.97
N LEU A 12 8.34 11.30 6.28
CA LEU A 12 8.74 10.05 6.90
C LEU A 12 10.24 10.03 7.10
N THR A 13 10.68 9.29 8.11
CA THR A 13 12.08 9.03 8.31
C THR A 13 12.53 7.94 7.36
N GLU A 14 13.83 7.76 7.26
CA GLU A 14 14.40 6.72 6.43
C GLU A 14 13.88 5.35 6.89
N GLU A 15 13.92 5.14 8.20
CA GLU A 15 13.39 3.93 8.83
C GLU A 15 12.00 3.60 8.31
N GLN A 16 11.13 4.60 8.35
CA GLN A 16 9.77 4.49 7.89
C GLN A 16 9.71 3.92 6.48
N LYS A 17 10.33 4.62 5.55
CA LYS A 17 10.23 4.28 4.15
C LYS A 17 10.97 2.98 3.84
N ASN A 18 11.92 2.64 4.70
CA ASN A 18 12.65 1.39 4.61
C ASN A 18 11.70 0.18 4.71
N GLU A 19 10.87 0.14 5.76
CA GLU A 19 9.90 -0.94 5.95
C GLU A 19 8.84 -0.90 4.86
N PHE A 20 8.42 0.31 4.52
CA PHE A 20 7.36 0.50 3.53
C PHE A 20 7.83 0.13 2.12
N LYS A 21 9.11 0.39 1.84
CA LYS A 21 9.71 -0.05 0.59
C LYS A 21 9.60 -1.54 0.51
N ALA A 22 10.06 -2.18 1.56
CA ALA A 22 10.15 -3.61 1.57
C ALA A 22 8.77 -4.22 1.33
N ALA A 23 7.75 -3.57 1.89
CA ALA A 23 6.38 -3.94 1.63
C ALA A 23 6.10 -3.88 0.13
N PHE A 24 6.34 -2.72 -0.47
CA PHE A 24 6.23 -2.56 -1.92
C PHE A 24 6.94 -3.69 -2.63
N ASP A 25 8.20 -3.75 -2.31
CA ASP A 25 9.14 -4.74 -2.85
C ASP A 25 8.57 -6.16 -2.85
N ILE A 26 8.10 -6.65 -1.71
CA ILE A 26 7.58 -8.01 -1.64
C ILE A 26 6.18 -8.11 -2.25
N PHE A 27 5.42 -7.03 -2.14
CA PHE A 27 4.14 -6.91 -2.84
C PHE A 27 4.32 -7.25 -4.31
N VAL A 28 5.42 -6.74 -4.83
CA VAL A 28 5.76 -6.86 -6.23
C VAL A 28 6.80 -7.94 -6.46
N LEU A 29 7.17 -8.63 -5.39
CA LEU A 29 8.09 -9.76 -5.48
C LEU A 29 7.48 -10.87 -6.32
N GLY A 30 8.13 -11.18 -7.44
CA GLY A 30 7.58 -12.11 -8.40
C GLY A 30 7.00 -11.39 -9.59
N ALA A 31 6.91 -10.07 -9.49
CA ALA A 31 6.43 -9.25 -10.59
C ALA A 31 7.57 -8.91 -11.53
N GLU A 32 7.23 -8.78 -12.80
CA GLU A 32 8.20 -8.46 -13.82
C GLU A 32 8.55 -6.98 -13.79
N ASP A 33 7.53 -6.14 -13.69
CA ASP A 33 7.73 -4.69 -13.71
C ASP A 33 8.15 -4.20 -12.33
N GLY A 34 7.93 -5.04 -11.33
CA GLY A 34 8.29 -4.72 -9.97
C GLY A 34 7.55 -3.50 -9.42
N SER A 35 6.33 -3.31 -9.87
CA SER A 35 5.45 -2.27 -9.36
C SER A 35 4.04 -2.83 -9.32
N ILE A 36 3.23 -2.41 -8.37
CA ILE A 36 2.02 -3.15 -8.02
C ILE A 36 0.92 -2.94 -9.03
N SER A 37 0.69 -3.96 -9.82
CA SER A 37 -0.53 -4.05 -10.57
C SER A 37 -1.57 -4.70 -9.68
N THR A 38 -2.83 -4.69 -10.07
CA THR A 38 -3.89 -5.12 -9.16
C THR A 38 -3.68 -6.52 -8.62
N LYS A 39 -3.12 -7.41 -9.43
CA LYS A 39 -2.91 -8.76 -8.96
C LYS A 39 -1.63 -8.87 -8.12
N GLU A 40 -0.68 -7.96 -8.33
CA GLU A 40 0.48 -7.87 -7.43
C GLU A 40 -0.01 -7.54 -6.03
N LEU A 41 -0.91 -6.56 -5.99
CA LEU A 41 -1.59 -6.18 -4.78
C LEU A 41 -2.41 -7.38 -4.30
N GLY A 42 -3.28 -7.89 -5.17
CA GLY A 42 -4.13 -9.02 -4.85
C GLY A 42 -3.37 -10.19 -4.27
N LYS A 43 -2.18 -10.44 -4.81
CA LYS A 43 -1.24 -11.42 -4.28
C LYS A 43 -1.05 -11.27 -2.77
N VAL A 44 -0.62 -10.09 -2.35
CA VAL A 44 -0.40 -9.81 -0.92
C VAL A 44 -1.71 -9.87 -0.18
N MET A 45 -2.78 -9.40 -0.80
CA MET A 45 -4.08 -9.41 -0.18
C MET A 45 -4.46 -10.82 0.21
N ARG A 46 -4.18 -11.77 -0.68
CA ARG A 46 -4.48 -13.16 -0.41
C ARG A 46 -3.57 -13.70 0.69
N MET A 47 -2.40 -13.08 0.80
CA MET A 47 -1.47 -13.32 1.86
C MET A 47 -1.99 -12.76 3.19
N LEU A 48 -2.98 -11.87 3.11
CA LEU A 48 -3.59 -11.25 4.29
C LEU A 48 -4.86 -11.98 4.69
N GLY A 49 -5.36 -12.83 3.79
CA GLY A 49 -6.66 -13.45 3.99
C GLY A 49 -7.73 -12.81 3.12
N GLN A 50 -7.32 -11.82 2.34
CA GLN A 50 -8.21 -11.11 1.44
C GLN A 50 -8.25 -11.85 0.10
N ASN A 51 -9.35 -11.76 -0.62
CA ASN A 51 -9.43 -12.35 -1.97
C ASN A 51 -10.05 -11.33 -2.94
N PRO A 52 -9.35 -10.20 -3.16
CA PRO A 52 -9.91 -9.08 -3.93
C PRO A 52 -10.31 -9.40 -5.35
N THR A 53 -11.04 -8.46 -5.90
CA THR A 53 -11.19 -8.38 -7.33
C THR A 53 -10.36 -7.22 -7.84
N PRO A 54 -9.84 -7.30 -9.07
CA PRO A 54 -9.18 -6.18 -9.74
C PRO A 54 -10.01 -4.91 -9.67
N GLU A 55 -11.32 -5.12 -9.53
CA GLU A 55 -12.30 -4.05 -9.42
C GLU A 55 -11.98 -3.12 -8.26
N GLU A 56 -11.80 -3.68 -7.08
CA GLU A 56 -11.47 -2.89 -5.91
C GLU A 56 -9.98 -2.54 -5.92
N LEU A 57 -9.18 -3.51 -6.35
CA LEU A 57 -7.73 -3.39 -6.41
C LEU A 57 -7.30 -2.20 -7.27
N GLN A 58 -7.89 -2.11 -8.45
CA GLN A 58 -7.52 -1.11 -9.45
C GLN A 58 -7.67 0.29 -8.90
N GLU A 59 -8.81 0.56 -8.27
CA GLU A 59 -9.12 1.92 -7.83
C GLU A 59 -8.22 2.39 -6.70
N MET A 60 -7.81 1.50 -5.82
CA MET A 60 -6.95 1.91 -4.71
C MET A 60 -5.51 2.08 -5.20
N ILE A 61 -5.17 1.36 -6.25
CA ILE A 61 -3.91 1.57 -6.94
C ILE A 61 -3.98 2.85 -7.74
N ASP A 62 -5.04 3.00 -8.51
CA ASP A 62 -5.29 4.18 -9.33
C ASP A 62 -5.24 5.46 -8.48
N GLU A 63 -5.69 5.33 -7.23
CA GLU A 63 -5.65 6.42 -6.27
C GLU A 63 -4.26 7.06 -6.20
N VAL A 64 -3.22 6.25 -6.04
CA VAL A 64 -1.88 6.78 -5.90
C VAL A 64 -1.07 6.68 -7.20
N ASP A 65 -1.46 5.77 -8.09
CA ASP A 65 -0.86 5.64 -9.44
C ASP A 65 -0.90 6.96 -10.21
N GLU A 66 0.23 7.68 -10.25
CA GLU A 66 0.27 9.02 -10.84
C GLU A 66 0.43 9.01 -12.35
N ASP A 67 1.26 8.10 -12.87
CA ASP A 67 1.60 8.11 -14.30
C ASP A 67 0.50 7.41 -15.10
N GLY A 68 -0.47 6.85 -14.40
CA GLY A 68 -1.58 6.20 -15.07
C GLY A 68 -1.18 4.84 -15.61
N SER A 69 -0.22 4.21 -14.95
CA SER A 69 0.28 2.91 -15.37
C SER A 69 -0.69 1.79 -14.98
N GLY A 70 -1.54 2.10 -14.00
CA GLY A 70 -2.42 1.10 -13.40
C GLY A 70 -1.64 0.23 -12.45
N THR A 71 -0.42 0.64 -12.23
CA THR A 71 0.47 -0.07 -11.37
C THR A 71 1.16 0.92 -10.45
N VAL A 72 1.21 0.58 -9.18
CA VAL A 72 1.79 1.43 -8.18
C VAL A 72 3.27 1.19 -8.05
N ASP A 73 4.04 2.25 -8.05
CA ASP A 73 5.45 2.09 -7.78
C ASP A 73 5.73 2.60 -6.38
N PHE A 74 7.00 2.59 -5.98
CA PHE A 74 7.34 2.74 -4.57
C PHE A 74 6.71 3.95 -3.90
N ASP A 75 7.04 5.14 -4.35
CA ASP A 75 6.55 6.35 -3.71
C ASP A 75 5.02 6.46 -3.83
N GLU A 76 4.45 5.85 -4.85
CA GLU A 76 3.00 5.77 -4.97
C GLU A 76 2.42 4.94 -3.82
N PHE A 77 2.93 3.72 -3.71
CA PHE A 77 2.58 2.80 -2.62
C PHE A 77 2.77 3.50 -1.29
N LEU A 78 3.91 4.14 -1.17
CA LEU A 78 4.34 4.77 0.06
C LEU A 78 3.35 5.82 0.57
N VAL A 79 2.78 6.57 -0.33
CA VAL A 79 1.84 7.60 0.07
C VAL A 79 0.55 7.01 0.62
N MET A 80 0.05 5.96 0.00
CA MET A 80 -1.12 5.31 0.56
C MET A 80 -0.71 4.54 1.81
N MET A 81 0.55 4.11 1.83
CA MET A 81 1.15 3.48 3.01
C MET A 81 1.11 4.43 4.19
N VAL A 82 1.70 5.60 3.99
CA VAL A 82 1.69 6.63 5.04
C VAL A 82 0.26 7.07 5.33
N ARG A 83 -0.56 7.05 4.29
CA ARG A 83 -1.94 7.50 4.38
C ARG A 83 -2.78 6.60 5.28
N SER A 84 -2.64 5.30 5.08
CA SER A 84 -3.44 4.32 5.80
C SER A 84 -2.94 4.14 7.23
N MET A 85 -1.65 4.31 7.44
CA MET A 85 -1.06 4.11 8.77
C MET A 85 -1.07 5.40 9.58
N LYS A 86 -1.50 6.50 8.97
CA LYS A 86 -1.43 7.80 9.60
C LYS A 86 -2.60 8.03 10.57
N ASP A 87 -3.09 6.94 11.15
CA ASP A 87 -4.11 7.04 12.18
C ASP A 87 -3.49 7.54 13.47
N ASP A 88 -3.54 8.85 13.67
CA ASP A 88 -2.98 9.48 14.86
C ASP A 88 -3.81 9.14 16.09
N SER A 89 -5.01 8.60 15.85
CA SER A 89 -5.89 8.20 16.92
C SER A 89 -5.33 7.01 17.69
N LYS A 90 -4.74 7.27 18.84
CA LYS A 90 -4.21 6.22 19.69
C LYS A 90 -5.34 5.57 20.49
N GLY A 91 -6.21 4.88 19.79
CA GLY A 91 -7.38 4.26 20.40
C GLY A 91 -8.29 3.65 19.35
N LYS A 92 -8.29 4.24 18.16
CA LYS A 92 -9.05 3.71 17.04
C LYS A 92 -8.38 4.06 15.74
N PHE A 93 -8.97 3.58 14.66
CA PHE A 93 -8.50 3.85 13.33
C PHE A 93 -9.20 5.10 12.80
N LYS A 94 -8.45 5.99 12.17
CA LYS A 94 -9.03 7.19 11.57
C LYS A 94 -9.86 6.83 10.34
N ARG A 95 -10.32 7.83 9.61
CA ARG A 95 -11.10 7.57 8.42
C ARG A 95 -10.30 6.79 7.39
N PRO A 96 -10.97 5.82 6.78
CA PRO A 96 -10.44 5.05 5.69
C PRO A 96 -10.57 5.88 4.44
N THR A 97 -9.50 6.08 3.73
CA THR A 97 -9.56 6.98 2.59
C THR A 97 -10.04 6.25 1.36
N LEU A 98 -10.20 4.95 1.49
CA LEU A 98 -10.60 4.10 0.40
C LEU A 98 -11.41 2.93 0.93
N ARG A 99 -12.71 2.97 0.75
CA ARG A 99 -13.55 1.86 1.19
C ARG A 99 -13.44 0.75 0.17
N ARG A 100 -12.31 0.07 0.22
CA ARG A 100 -12.01 -0.97 -0.74
C ARG A 100 -11.91 -2.32 -0.05
N VAL A 101 -11.04 -2.40 0.96
CA VAL A 101 -10.73 -3.67 1.59
C VAL A 101 -10.50 -3.49 3.10
N ARG A 102 -10.58 -4.61 3.82
CA ARG A 102 -10.52 -4.63 5.28
C ARG A 102 -9.08 -4.82 5.73
N ILE A 103 -8.28 -3.78 5.64
CA ILE A 103 -6.86 -3.87 5.97
C ILE A 103 -6.42 -2.73 6.87
N SER A 104 -5.65 -3.05 7.89
CA SER A 104 -4.90 -2.05 8.61
C SER A 104 -3.52 -1.93 7.96
N ALA A 105 -3.04 -0.70 7.79
CA ALA A 105 -1.81 -0.44 7.05
C ALA A 105 -0.68 -1.39 7.44
N ASP A 106 -0.31 -1.36 8.70
CA ASP A 106 0.75 -2.19 9.24
C ASP A 106 0.44 -3.66 9.04
N ALA A 107 -0.82 -3.99 9.24
CA ALA A 107 -1.26 -5.37 9.18
C ALA A 107 -1.05 -5.98 7.79
N MET A 108 -1.32 -5.20 6.76
CA MET A 108 -1.13 -5.65 5.39
C MET A 108 0.34 -5.97 5.13
N MET A 109 1.19 -4.97 5.37
CA MET A 109 2.61 -5.11 5.17
C MET A 109 3.18 -6.19 6.09
N GLN A 110 2.65 -6.26 7.31
CA GLN A 110 3.15 -7.19 8.33
C GLN A 110 3.19 -8.63 7.81
N ALA A 111 2.25 -8.96 6.92
CA ALA A 111 2.18 -10.30 6.35
C ALA A 111 3.47 -10.65 5.61
N LEU A 112 3.93 -9.73 4.76
CA LEU A 112 5.16 -9.91 3.98
C LEU A 112 6.38 -9.50 4.77
N LEU A 113 6.17 -8.65 5.75
CA LEU A 113 7.26 -8.04 6.51
C LEU A 113 8.04 -9.04 7.35
N GLY A 114 7.61 -10.29 7.36
CA GLY A 114 8.31 -11.29 8.15
C GLY A 114 9.76 -11.47 7.74
N ALA A 115 10.15 -10.84 6.65
CA ALA A 115 11.53 -10.84 6.20
C ALA A 115 12.42 -10.03 7.15
N ARG A 116 11.81 -9.08 7.85
CA ARG A 116 12.56 -8.16 8.71
C ARG A 116 11.82 -7.88 10.02
N ALA A 117 10.49 -7.81 9.95
CA ALA A 117 9.66 -7.51 11.11
C ALA A 117 9.64 -8.66 12.10
N LYS A 118 8.97 -9.73 11.70
CA LYS A 118 8.80 -10.90 12.54
C LYS A 118 9.37 -12.13 11.85
N GLY A 119 10.45 -12.65 12.39
CA GLY A 119 11.06 -13.80 11.80
C GLY A 119 12.49 -13.53 11.37
N HIS A 120 13.44 -14.15 12.05
CA HIS A 120 14.86 -13.93 11.75
C HIS A 120 15.41 -15.08 10.92
CAA 9XG B . -7.46 -1.31 2.53
CAB 9XG B . -1.36 0.11 -3.09
CAC 9XG B . -1.07 -0.53 -1.88
CAD 9XG B . -2.49 0.91 -3.19
CAE 9XG B . -7.37 1.03 -0.30
CAF 9XG B . -7.85 0.21 0.71
CAG 9XG B . -1.92 -0.36 -0.79
CAH 9XG B . -3.33 1.08 -2.10
CAI 9XG B . -6.00 1.17 -0.49
CAJ 9XG B . -5.60 -0.36 1.33
CAL 9XG B . -6.98 -0.49 1.52
CAM 9XG B . -3.04 0.45 -0.90
CAN 9XG B . -5.11 0.46 0.33
NAK 9XG B . -3.80 0.64 0.17
HAB 9XG B . -8.45 -0.95 2.84
HAC 9XG B . -6.79 -1.28 3.40
HAA 9XG B . -7.55 -2.33 2.17
HAD 9XG B . -0.70 -0.03 -3.94
HAE 9XG B . -0.20 -1.17 -1.81
HAF 9XG B . -2.72 1.40 -4.14
HAG 9XG B . -8.06 1.57 -0.94
HAH 9XG B . -8.93 0.12 0.87
HAI 9XG B . -1.68 -0.84 0.15
HAJ 9XG B . -4.21 1.72 -2.19
HAK 9XG B . -5.63 1.82 -1.27
HAL 9XG B . -4.91 -0.92 1.96
HAM 9XG B . -3.32 0.95 1.00
N MET A 1 -4.07 11.74 -5.53
CA MET A 1 -2.96 11.52 -4.58
C MET A 1 -3.02 12.53 -3.46
N ASP A 2 -3.13 12.07 -2.23
CA ASP A 2 -3.09 12.99 -1.09
C ASP A 2 -1.70 13.58 -0.98
N ASP A 3 -1.55 14.83 -1.39
CA ASP A 3 -0.26 15.48 -1.32
C ASP A 3 0.14 15.72 0.12
N ILE A 4 -0.83 15.64 1.03
CA ILE A 4 -0.52 15.72 2.45
C ILE A 4 0.37 14.53 2.82
N TYR A 5 0.00 13.37 2.30
CA TYR A 5 0.72 12.15 2.51
C TYR A 5 1.87 12.05 1.53
N LYS A 6 1.69 12.71 0.40
CA LYS A 6 2.76 12.84 -0.55
C LYS A 6 3.91 13.60 0.12
N ALA A 7 3.55 14.52 1.01
CA ALA A 7 4.50 15.16 1.93
C ALA A 7 4.82 14.29 3.13
N ALA A 8 3.91 13.43 3.52
CA ALA A 8 4.08 12.67 4.74
C ALA A 8 5.14 11.58 4.56
N VAL A 9 5.28 11.07 3.33
CA VAL A 9 6.44 10.24 3.02
C VAL A 9 7.71 11.08 3.14
N GLU A 10 7.60 12.33 2.73
CA GLU A 10 8.68 13.27 2.84
C GLU A 10 8.94 13.54 4.32
N GLN A 11 7.86 13.44 5.06
CA GLN A 11 7.83 13.66 6.48
C GLN A 11 8.22 12.38 7.23
N LEU A 12 8.28 11.25 6.53
CA LEU A 12 8.67 10.00 7.15
C LEU A 12 10.19 9.98 7.35
N THR A 13 10.63 9.15 8.27
CA THR A 13 12.04 8.89 8.43
C THR A 13 12.47 7.86 7.40
N GLU A 14 13.76 7.77 7.15
CA GLU A 14 14.29 6.73 6.31
C GLU A 14 13.82 5.37 6.78
N GLU A 15 13.93 5.16 8.08
CA GLU A 15 13.41 3.98 8.77
C GLU A 15 11.99 3.69 8.37
N GLN A 16 11.18 4.72 8.46
CA GLN A 16 9.81 4.64 8.07
C GLN A 16 9.70 4.03 6.70
N LYS A 17 10.37 4.65 5.76
CA LYS A 17 10.23 4.33 4.38
C LYS A 17 10.99 3.05 4.00
N ASN A 18 12.04 2.71 4.74
CA ASN A 18 12.84 1.52 4.47
C ASN A 18 11.99 0.26 4.58
N GLU A 19 11.19 0.19 5.62
CA GLU A 19 10.30 -0.94 5.82
C GLU A 19 9.19 -0.92 4.77
N PHE A 20 8.60 0.26 4.57
CA PHE A 20 7.51 0.41 3.62
C PHE A 20 7.98 0.04 2.22
N LYS A 21 9.20 0.42 1.90
CA LYS A 21 9.84 0.03 0.66
C LYS A 21 9.77 -1.47 0.50
N ALA A 22 10.22 -2.18 1.52
CA ALA A 22 10.31 -3.61 1.44
C ALA A 22 8.97 -4.23 1.15
N ALA A 23 7.91 -3.64 1.70
CA ALA A 23 6.56 -4.11 1.42
C ALA A 23 6.27 -3.97 -0.06
N PHE A 24 6.52 -2.78 -0.59
CA PHE A 24 6.41 -2.53 -2.02
C PHE A 24 7.17 -3.59 -2.78
N ASP A 25 8.45 -3.61 -2.48
CA ASP A 25 9.42 -4.54 -3.05
C ASP A 25 8.91 -5.97 -3.12
N ILE A 26 8.55 -6.52 -1.98
CA ILE A 26 8.12 -7.91 -1.90
C ILE A 26 6.73 -8.09 -2.54
N PHE A 27 5.90 -7.05 -2.45
CA PHE A 27 4.63 -7.00 -3.18
C PHE A 27 4.88 -7.28 -4.65
N VAL A 28 5.97 -6.70 -5.14
CA VAL A 28 6.30 -6.72 -6.55
C VAL A 28 7.45 -7.69 -6.81
N LEU A 29 7.81 -8.44 -5.79
CA LEU A 29 8.96 -9.32 -5.83
C LEU A 29 8.60 -10.59 -6.60
N GLY A 30 9.27 -10.76 -7.73
CA GLY A 30 8.91 -11.80 -8.68
C GLY A 30 8.09 -11.25 -9.84
N ALA A 31 7.74 -9.96 -9.75
CA ALA A 31 6.99 -9.29 -10.82
C ALA A 31 7.87 -9.01 -12.00
N GLU A 32 7.24 -8.83 -13.15
CA GLU A 32 7.95 -8.55 -14.38
C GLU A 32 8.43 -7.12 -14.42
N ASP A 33 7.56 -6.22 -13.99
CA ASP A 33 7.81 -4.78 -14.12
C ASP A 33 8.24 -4.15 -12.80
N GLY A 34 8.05 -4.88 -11.71
CA GLY A 34 8.43 -4.38 -10.40
C GLY A 34 7.56 -3.22 -9.94
N SER A 35 6.33 -3.22 -10.40
CA SER A 35 5.34 -2.23 -9.99
C SER A 35 4.09 -3.01 -9.57
N ILE A 36 3.36 -2.52 -8.57
CA ILE A 36 2.22 -3.27 -8.06
C ILE A 36 1.06 -3.15 -9.03
N SER A 37 0.80 -4.23 -9.74
CA SER A 37 -0.38 -4.32 -10.54
C SER A 37 -1.48 -4.87 -9.65
N THR A 38 -2.70 -4.92 -10.14
CA THR A 38 -3.81 -5.23 -9.29
C THR A 38 -3.71 -6.60 -8.64
N LYS A 39 -3.30 -7.59 -9.39
CA LYS A 39 -3.16 -8.91 -8.82
C LYS A 39 -1.88 -9.02 -8.01
N GLU A 40 -0.89 -8.17 -8.32
CA GLU A 40 0.28 -8.03 -7.46
C GLU A 40 -0.17 -7.60 -6.08
N LEU A 41 -1.07 -6.64 -6.07
CA LEU A 41 -1.68 -6.16 -4.86
C LEU A 41 -2.55 -7.29 -4.26
N GLY A 42 -3.45 -7.83 -5.09
CA GLY A 42 -4.39 -8.86 -4.69
C GLY A 42 -3.72 -10.06 -4.04
N LYS A 43 -2.54 -10.41 -4.55
CA LYS A 43 -1.73 -11.49 -4.00
C LYS A 43 -1.47 -11.25 -2.51
N VAL A 44 -1.04 -10.05 -2.18
CA VAL A 44 -0.78 -9.68 -0.80
C VAL A 44 -2.07 -9.53 -0.03
N MET A 45 -3.09 -9.07 -0.71
CA MET A 45 -4.40 -8.98 -0.11
C MET A 45 -4.82 -10.36 0.38
N ARG A 46 -4.63 -11.37 -0.46
CA ARG A 46 -4.95 -12.74 -0.07
C ARG A 46 -3.99 -13.22 1.01
N MET A 47 -2.82 -12.63 1.04
CA MET A 47 -1.85 -12.86 2.08
C MET A 47 -2.33 -12.24 3.41
N LEU A 48 -3.36 -11.40 3.32
CA LEU A 48 -3.92 -10.68 4.47
C LEU A 48 -5.28 -11.23 4.89
N GLY A 49 -5.82 -12.18 4.12
CA GLY A 49 -7.18 -12.65 4.38
C GLY A 49 -8.18 -12.04 3.42
N GLN A 50 -7.69 -11.14 2.59
CA GLN A 50 -8.50 -10.45 1.60
C GLN A 50 -8.68 -11.35 0.36
N ASN A 51 -9.71 -11.09 -0.43
CA ASN A 51 -9.88 -11.79 -1.72
C ASN A 51 -10.45 -10.86 -2.79
N PRO A 52 -9.70 -9.80 -3.12
CA PRO A 52 -10.14 -8.78 -4.10
C PRO A 52 -10.43 -9.28 -5.51
N THR A 53 -11.04 -8.40 -6.27
CA THR A 53 -11.09 -8.52 -7.71
C THR A 53 -10.20 -7.44 -8.32
N PRO A 54 -9.58 -7.72 -9.48
CA PRO A 54 -8.78 -6.72 -10.20
C PRO A 54 -9.55 -5.44 -10.44
N GLU A 55 -10.88 -5.56 -10.44
CA GLU A 55 -11.77 -4.42 -10.54
C GLU A 55 -11.54 -3.43 -9.41
N GLU A 56 -11.59 -3.89 -8.18
CA GLU A 56 -11.46 -3.02 -7.03
C GLU A 56 -9.99 -2.67 -6.79
N LEU A 57 -9.12 -3.64 -7.05
CA LEU A 57 -7.68 -3.44 -6.91
C LEU A 57 -7.20 -2.33 -7.84
N GLN A 58 -7.86 -2.17 -8.98
CA GLN A 58 -7.43 -1.20 -9.96
C GLN A 58 -7.63 0.21 -9.45
N GLU A 59 -8.79 0.45 -8.87
CA GLU A 59 -9.13 1.77 -8.39
C GLU A 59 -8.29 2.14 -7.17
N MET A 60 -8.04 1.18 -6.29
CA MET A 60 -7.19 1.39 -5.11
C MET A 60 -5.74 1.67 -5.53
N ILE A 61 -5.27 0.96 -6.55
CA ILE A 61 -3.95 1.22 -7.11
C ILE A 61 -3.94 2.54 -7.83
N ASP A 62 -4.99 2.79 -8.60
CA ASP A 62 -5.15 4.04 -9.36
C ASP A 62 -5.11 5.25 -8.42
N GLU A 63 -5.51 5.02 -7.17
CA GLU A 63 -5.45 6.02 -6.13
C GLU A 63 -4.02 6.50 -5.92
N VAL A 64 -3.11 5.55 -5.84
CA VAL A 64 -1.70 5.86 -5.59
C VAL A 64 -0.92 5.95 -6.90
N ASP A 65 -1.33 5.16 -7.88
CA ASP A 65 -0.79 5.21 -9.24
C ASP A 65 -1.06 6.55 -9.88
N GLU A 66 -0.05 7.37 -9.99
CA GLU A 66 -0.22 8.66 -10.61
C GLU A 66 -0.06 8.58 -12.13
N ASP A 67 0.54 7.48 -12.60
CA ASP A 67 0.80 7.33 -14.04
C ASP A 67 -0.42 6.77 -14.77
N GLY A 68 -1.42 6.36 -14.01
CA GLY A 68 -2.63 5.80 -14.58
C GLY A 68 -2.36 4.50 -15.33
N SER A 69 -1.32 3.78 -14.90
CA SER A 69 -0.89 2.54 -15.53
C SER A 69 -1.57 1.34 -14.89
N GLY A 70 -2.04 1.51 -13.66
CA GLY A 70 -2.62 0.39 -12.93
C GLY A 70 -1.57 -0.36 -12.14
N THR A 71 -0.39 0.25 -12.04
CA THR A 71 0.69 -0.33 -11.28
C THR A 71 1.28 0.72 -10.34
N VAL A 72 1.58 0.32 -9.12
CA VAL A 72 2.22 1.22 -8.18
C VAL A 72 3.72 1.03 -8.14
N ASP A 73 4.43 2.12 -8.07
CA ASP A 73 5.85 2.08 -7.80
C ASP A 73 6.11 2.65 -6.40
N PHE A 74 7.35 2.73 -5.97
CA PHE A 74 7.67 2.93 -4.55
C PHE A 74 6.96 4.12 -3.92
N ASP A 75 7.35 5.32 -4.30
CA ASP A 75 6.83 6.53 -3.67
C ASP A 75 5.30 6.57 -3.73
N GLU A 76 4.75 5.89 -4.71
CA GLU A 76 3.31 5.72 -4.86
C GLU A 76 2.72 4.92 -3.72
N PHE A 77 3.23 3.71 -3.59
CA PHE A 77 2.89 2.83 -2.50
C PHE A 77 3.08 3.54 -1.17
N LEU A 78 4.18 4.27 -1.11
CA LEU A 78 4.61 4.90 0.11
C LEU A 78 3.60 5.92 0.65
N VAL A 79 2.85 6.56 -0.24
CA VAL A 79 1.86 7.53 0.20
C VAL A 79 0.64 6.87 0.82
N MET A 80 0.07 5.85 0.19
CA MET A 80 -1.08 5.22 0.78
C MET A 80 -0.68 4.50 2.05
N MET A 81 0.59 4.11 2.10
CA MET A 81 1.18 3.56 3.30
C MET A 81 1.04 4.56 4.42
N VAL A 82 1.62 5.73 4.20
CA VAL A 82 1.57 6.79 5.19
C VAL A 82 0.11 7.25 5.39
N ARG A 83 -0.67 7.17 4.33
CA ARG A 83 -2.09 7.55 4.36
C ARG A 83 -2.88 6.63 5.29
N SER A 84 -2.51 5.36 5.30
CA SER A 84 -3.24 4.37 6.08
C SER A 84 -2.89 4.48 7.56
N MET A 85 -1.62 4.66 7.87
CA MET A 85 -1.16 4.65 9.26
C MET A 85 -1.20 6.04 9.90
N LYS A 86 -0.88 7.07 9.12
CA LYS A 86 -0.79 8.42 9.64
C LYS A 86 -2.18 9.08 9.69
N ASP A 87 -3.22 8.26 9.80
CA ASP A 87 -4.58 8.74 9.82
C ASP A 87 -4.82 9.70 10.98
N ASP A 88 -5.34 10.88 10.66
CA ASP A 88 -5.62 11.91 11.66
C ASP A 88 -6.89 11.58 12.43
N SER A 89 -7.73 10.75 11.80
CA SER A 89 -9.04 10.41 12.32
C SER A 89 -9.95 11.64 12.35
N LYS A 90 -9.88 12.41 13.44
CA LYS A 90 -10.65 13.65 13.62
C LYS A 90 -12.11 13.45 13.21
N GLY A 91 -12.86 12.77 14.04
CA GLY A 91 -14.24 12.45 13.73
C GLY A 91 -14.35 11.10 13.06
N LYS A 92 -13.35 10.78 12.24
CA LYS A 92 -13.29 9.50 11.58
C LYS A 92 -12.38 8.56 12.35
N PHE A 93 -12.03 7.46 11.71
CA PHE A 93 -11.10 6.50 12.27
C PHE A 93 -10.58 5.61 11.14
N LYS A 94 -9.31 5.80 10.79
CA LYS A 94 -8.72 5.12 9.64
C LYS A 94 -9.57 5.43 8.41
N ARG A 95 -9.55 6.70 8.00
CA ARG A 95 -10.52 7.23 7.04
C ARG A 95 -10.74 6.34 5.82
N PRO A 96 -12.02 6.13 5.52
CA PRO A 96 -12.47 5.28 4.42
C PRO A 96 -12.23 5.98 3.10
N THR A 97 -11.61 5.29 2.18
CA THR A 97 -11.20 5.94 0.95
C THR A 97 -11.59 5.12 -0.29
N LEU A 98 -11.67 3.81 -0.13
CA LEU A 98 -11.72 2.93 -1.28
C LEU A 98 -12.64 1.72 -1.05
N ARG A 99 -12.62 0.83 -2.05
CA ARG A 99 -13.49 -0.36 -2.13
C ARG A 99 -13.48 -1.24 -0.86
N ARG A 100 -14.34 -2.27 -0.90
CA ARG A 100 -14.62 -3.13 0.26
C ARG A 100 -13.33 -3.61 0.93
N VAL A 101 -12.41 -4.18 0.15
CA VAL A 101 -11.18 -4.68 0.71
C VAL A 101 -10.33 -3.56 1.31
N ARG A 102 -10.40 -3.42 2.62
CA ARG A 102 -9.64 -2.42 3.32
C ARG A 102 -8.55 -3.10 4.15
N ILE A 103 -7.60 -2.31 4.60
CA ILE A 103 -6.36 -2.82 5.14
C ILE A 103 -5.84 -1.94 6.25
N SER A 104 -5.32 -2.58 7.26
CA SER A 104 -4.57 -1.92 8.28
C SER A 104 -3.14 -1.72 7.80
N ALA A 105 -2.64 -0.49 7.88
CA ALA A 105 -1.33 -0.14 7.33
C ALA A 105 -0.28 -1.18 7.66
N ASP A 106 -0.12 -1.45 8.95
CA ASP A 106 0.83 -2.42 9.46
C ASP A 106 0.57 -3.78 8.83
N ALA A 107 -0.70 -4.15 8.82
CA ALA A 107 -1.14 -5.47 8.40
C ALA A 107 -0.68 -5.83 6.99
N MET A 108 -0.91 -4.92 6.05
CA MET A 108 -0.63 -5.21 4.64
C MET A 108 0.87 -5.34 4.39
N MET A 109 1.65 -4.42 4.92
CA MET A 109 3.11 -4.50 4.78
C MET A 109 3.61 -5.74 5.48
N GLN A 110 3.05 -6.04 6.65
CA GLN A 110 3.48 -7.18 7.45
C GLN A 110 3.43 -8.48 6.66
N ALA A 111 2.51 -8.53 5.70
CA ALA A 111 2.43 -9.66 4.80
C ALA A 111 3.77 -9.92 4.12
N LEU A 112 4.37 -8.87 3.58
CA LEU A 112 5.70 -9.00 3.01
C LEU A 112 6.77 -8.87 4.09
N LEU A 113 6.49 -8.05 5.09
CA LEU A 113 7.50 -7.57 6.00
C LEU A 113 7.90 -8.61 7.04
N GLY A 114 7.32 -9.80 6.98
CA GLY A 114 7.75 -10.85 7.88
C GLY A 114 9.17 -11.28 7.56
N ALA A 115 10.12 -10.48 8.03
CA ALA A 115 11.51 -10.58 7.65
C ALA A 115 12.31 -9.50 8.36
N ARG A 116 11.67 -8.36 8.61
CA ARG A 116 12.32 -7.23 9.25
C ARG A 116 11.31 -6.42 10.06
N ALA A 117 10.17 -7.03 10.35
CA ALA A 117 9.10 -6.35 11.06
C ALA A 117 9.14 -6.64 12.54
N LYS A 118 9.97 -5.88 13.26
CA LYS A 118 10.00 -5.97 14.72
C LYS A 118 8.66 -5.52 15.31
N GLY A 119 8.39 -5.91 16.54
CA GLY A 119 7.16 -5.51 17.17
C GLY A 119 7.32 -5.30 18.66
N HIS A 120 7.82 -4.13 19.04
CA HIS A 120 8.05 -3.81 20.44
C HIS A 120 6.86 -3.06 21.02
CAA 9XG B . -7.72 1.85 1.19
CAB 9XG B . -0.42 0.05 -3.11
CAC 9XG B . -0.66 0.35 -1.77
CAD 9XG B . -1.45 0.20 -4.04
CAE 9XG B . -5.81 -1.12 0.16
CAF 9XG B . -6.74 -0.32 0.80
CAG 9XG B . -1.91 0.78 -1.36
CAH 9XG B . -2.70 0.63 -3.62
CAI 9XG B . -4.91 -0.55 -0.74
CAJ 9XG B . -5.88 1.60 -0.34
CAL 9XG B . -6.77 1.04 0.55
CAM 9XG B . -2.93 0.93 -2.29
CAN 9XG B . -4.95 0.81 -0.99
NAK 9XG B . -4.14 1.35 -1.90
HAB 9XG B . -8.62 1.27 1.38
HAC 9XG B . -7.95 2.70 0.56
HAA 9XG B . -7.31 2.20 2.14
HAD 9XG B . 0.55 -0.30 -3.43
HAE 9XG B . 0.14 0.23 -1.04
HAF 9XG B . -1.27 -0.03 -5.09
HAG 9XG B . -5.78 -2.19 0.35
HAH 9XG B . -7.46 -0.77 1.50
HAI 9XG B . -2.08 1.02 -0.31
HAJ 9XG B . -3.51 0.73 -4.36
HAK 9XG B . -4.19 -1.18 -1.26
HAL 9XG B . -5.91 2.68 -0.53
HAM 9XG B . -4.47 2.17 -2.35
#